data_9BPD
#
_entry.id   9BPD
#
_cell.length_a   1.00
_cell.length_b   1.00
_cell.length_c   1.00
_cell.angle_alpha   90.00
_cell.angle_beta   90.00
_cell.angle_gamma   90.00
#
_symmetry.space_group_name_H-M   'P 1'
#
loop_
_entity.id
_entity.type
_entity.pdbx_description
1 polymer 'P2X purinoceptor'
2 branched 2-acetamido-2-deoxy-beta-D-glucopyranose-(1-4)-2-acetamido-2-deoxy-beta-D-glucopyranose
3 non-polymer 2-acetamido-2-deoxy-beta-D-glucopyranose
4 non-polymer 'MAGNESIUM ION'
5 non-polymer "ADENOSINE-5'-TRIPHOSPHATE"
#
_entity_poly.entity_id   1
_entity_poly.type   'polypeptide(L)'
_entity_poly.pdbx_seq_one_letter_code
;GSDFFTYETTKSVVVKSWTIGVINRAVQLLIISYFVGWVFLHEKAYQVRDTAIESSVVTKVKGFGRYANRVMDVSDYVTP
PQGTSVFVIITKMIVTENQMQGFCPESEEKYRCVSDSQCGPQRFPGGGILTGRCVNYSSTLRTCEIQGWCPTEVDTVEMP
VMMEAENFTIFIKNSIRFPLFNFEKGNLLPNLTAADMKTCRFHPDKAPFCPILRVGDVVKFAGQDFAKLARTGGVLGIKI
GWVCDLDRAWDQCIPKYSFTRLDGVSEKSSVSPGYNFRFAKYYKMENGSEYRTLLKAFGIRFDVLVYGNAGKFNIIPTII
SSVAAFTSVGVGTVLCDIILLNFLKGADQYKAKKFEEVDET
;
_entity_poly.pdbx_strand_id   A,B,C
#
# COMPACT_ATOMS: atom_id res chain seq x y z
N ILE A 23 -53.90 -22.51 9.02
CA ILE A 23 -54.13 -23.30 10.22
C ILE A 23 -53.00 -23.09 11.21
N ASN A 24 -53.36 -22.96 12.49
CA ASN A 24 -52.35 -22.73 13.52
C ASN A 24 -51.54 -23.98 13.84
N ARG A 25 -52.01 -25.15 13.42
CA ARG A 25 -51.29 -26.39 13.70
C ARG A 25 -49.90 -26.38 13.05
N ALA A 26 -49.84 -25.99 11.77
CA ALA A 26 -48.55 -25.88 11.10
C ALA A 26 -47.79 -24.63 11.52
N VAL A 27 -48.52 -23.58 11.90
CA VAL A 27 -47.87 -22.35 12.34
C VAL A 27 -47.08 -22.58 13.63
N GLN A 28 -47.62 -23.40 14.53
CA GLN A 28 -46.92 -23.69 15.78
C GLN A 28 -45.58 -24.36 15.51
N LEU A 29 -45.54 -25.29 14.55
CA LEU A 29 -44.29 -25.95 14.20
C LEU A 29 -43.34 -24.99 13.48
N LEU A 30 -43.86 -24.23 12.51
CA LEU A 30 -43.01 -23.34 11.73
C LEU A 30 -42.48 -22.17 12.53
N ILE A 31 -43.09 -21.85 13.66
CA ILE A 31 -42.57 -20.78 14.51
C ILE A 31 -41.18 -21.13 15.03
N ILE A 32 -40.99 -22.37 15.47
CA ILE A 32 -39.69 -22.82 15.97
C ILE A 32 -38.85 -23.51 14.92
N SER A 33 -39.44 -23.89 13.78
CA SER A 33 -38.65 -24.51 12.72
C SER A 33 -37.67 -23.54 12.07
N TYR A 34 -37.94 -22.24 12.16
CA TYR A 34 -37.06 -21.23 11.57
C TYR A 34 -36.14 -20.56 12.58
N PHE A 35 -36.62 -20.35 13.82
CA PHE A 35 -35.79 -19.68 14.83
C PHE A 35 -34.82 -20.65 15.48
N VAL A 36 -35.33 -21.70 16.11
CA VAL A 36 -34.46 -22.65 16.79
C VAL A 36 -33.63 -23.44 15.78
N GLY A 37 -34.24 -23.83 14.66
CA GLY A 37 -33.52 -24.64 13.69
C GLY A 37 -32.38 -23.88 13.01
N TRP A 38 -32.62 -22.63 12.63
CA TRP A 38 -31.65 -21.87 11.87
C TRP A 38 -31.13 -20.64 12.62
N VAL A 39 -32.03 -19.79 13.12
CA VAL A 39 -31.59 -18.54 13.74
C VAL A 39 -30.80 -18.81 15.01
N PHE A 40 -31.29 -19.73 15.85
CA PHE A 40 -30.65 -19.99 17.14
C PHE A 40 -29.45 -20.93 17.02
N LEU A 41 -29.69 -22.15 16.55
CA LEU A 41 -28.63 -23.17 16.55
C LEU A 41 -27.59 -22.90 15.46
N HIS A 42 -28.05 -22.52 14.27
CA HIS A 42 -27.14 -22.39 13.13
C HIS A 42 -26.61 -20.97 12.96
N GLU A 43 -27.47 -19.96 13.11
CA GLU A 43 -27.08 -18.58 12.88
C GLU A 43 -26.44 -17.92 14.09
N LYS A 44 -26.44 -18.59 15.26
CA LYS A 44 -25.88 -18.04 16.49
C LYS A 44 -26.57 -16.73 16.86
N ALA A 45 -27.85 -16.88 17.21
CA ALA A 45 -28.79 -15.77 17.32
C ALA A 45 -28.24 -14.54 18.03
N TYR A 46 -27.33 -14.71 18.99
CA TYR A 46 -26.73 -13.55 19.64
C TYR A 46 -25.97 -12.71 18.63
N GLN A 47 -24.91 -13.27 18.04
CA GLN A 47 -24.21 -12.70 16.89
C GLN A 47 -23.82 -11.23 17.14
N VAL A 48 -22.96 -11.05 18.13
CA VAL A 48 -22.36 -9.75 18.39
C VAL A 48 -21.07 -9.67 17.58
N ARG A 49 -21.11 -8.91 16.49
CA ARG A 49 -20.03 -8.92 15.52
C ARG A 49 -19.05 -7.76 15.77
N ASP A 50 -17.88 -7.88 15.16
CA ASP A 50 -16.87 -6.82 15.17
C ASP A 50 -16.14 -6.86 13.82
N THR A 51 -16.63 -6.06 12.87
CA THR A 51 -16.00 -6.03 11.56
C THR A 51 -14.65 -5.33 11.61
N ALA A 52 -14.51 -4.30 12.44
CA ALA A 52 -13.28 -3.54 12.53
C ALA A 52 -12.20 -4.34 13.26
N ILE A 53 -11.52 -5.22 12.54
CA ILE A 53 -10.42 -6.00 13.07
C ILE A 53 -9.12 -5.37 12.58
N GLU A 54 -8.23 -5.04 13.50
CA GLU A 54 -6.96 -4.42 13.13
C GLU A 54 -5.91 -5.49 12.91
N SER A 55 -5.28 -5.46 11.74
CA SER A 55 -4.42 -6.54 11.29
C SER A 55 -3.04 -6.00 10.92
N SER A 56 -2.03 -6.86 11.10
CA SER A 56 -0.66 -6.57 10.69
C SER A 56 -0.08 -7.81 10.04
N VAL A 57 0.45 -7.64 8.83
CA VAL A 57 1.02 -8.73 8.05
C VAL A 57 2.45 -8.37 7.70
N VAL A 58 3.39 -9.26 8.02
CA VAL A 58 4.79 -9.11 7.68
C VAL A 58 5.19 -10.30 6.81
N THR A 59 5.68 -10.02 5.61
CA THR A 59 6.05 -11.05 4.64
C THR A 59 7.53 -11.00 4.37
N LYS A 60 8.17 -12.18 4.38
CA LYS A 60 9.60 -12.29 4.12
C LYS A 60 9.84 -13.43 3.14
N VAL A 61 10.43 -13.12 2.00
CA VAL A 61 10.72 -14.11 0.97
C VAL A 61 12.14 -14.63 1.19
N LYS A 62 12.32 -15.96 1.09
CA LYS A 62 13.64 -16.55 1.24
C LYS A 62 13.89 -17.59 0.14
N GLY A 63 15.11 -17.60 -0.35
CA GLY A 63 15.53 -18.48 -1.42
C GLY A 63 16.52 -17.78 -2.33
N PHE A 64 17.20 -18.58 -3.16
CA PHE A 64 18.21 -18.08 -4.08
C PHE A 64 17.92 -18.62 -5.47
N GLY A 65 18.04 -17.73 -6.47
CA GLY A 65 17.69 -18.09 -7.83
C GLY A 65 18.84 -17.85 -8.79
N ARG A 66 18.77 -18.53 -9.93
CA ARG A 66 19.75 -18.40 -11.00
C ARG A 66 19.10 -17.73 -12.20
N TYR A 67 19.74 -16.67 -12.70
CA TYR A 67 19.26 -15.98 -13.89
C TYR A 67 20.44 -15.65 -14.78
N ALA A 68 20.27 -15.88 -16.09
CA ALA A 68 21.33 -15.70 -17.08
C ALA A 68 22.56 -16.51 -16.71
N ASN A 69 23.55 -15.88 -16.05
CA ASN A 69 24.73 -16.59 -15.60
C ASN A 69 25.09 -16.24 -14.16
N ARG A 70 24.21 -15.56 -13.43
CA ARG A 70 24.48 -15.14 -12.06
C ARG A 70 23.37 -15.62 -11.14
N VAL A 71 23.55 -15.36 -9.85
CA VAL A 71 22.63 -15.81 -8.80
C VAL A 71 22.16 -14.60 -8.01
N MET A 72 20.87 -14.55 -7.72
CA MET A 72 20.25 -13.45 -6.99
C MET A 72 19.56 -13.98 -5.74
N ASP A 73 19.40 -13.08 -4.77
CA ASP A 73 18.81 -13.37 -3.47
C ASP A 73 17.60 -12.46 -3.21
N VAL A 74 17.12 -12.50 -1.96
CA VAL A 74 15.85 -11.84 -1.62
C VAL A 74 15.87 -10.37 -1.98
N SER A 75 17.00 -9.70 -1.78
CA SER A 75 17.09 -8.29 -2.09
C SER A 75 17.17 -8.00 -3.59
N ASP A 76 16.90 -8.97 -4.47
CA ASP A 76 17.01 -8.74 -5.90
C ASP A 76 15.70 -8.94 -6.66
N TYR A 77 15.02 -10.07 -6.49
CA TYR A 77 13.75 -10.30 -7.19
C TYR A 77 12.55 -9.75 -6.44
N VAL A 78 12.70 -9.38 -5.17
CA VAL A 78 11.62 -8.77 -4.41
C VAL A 78 11.79 -7.26 -4.54
N THR A 79 11.04 -6.67 -5.47
CA THR A 79 11.19 -5.23 -5.74
C THR A 79 10.85 -4.37 -4.53
N PRO A 80 9.72 -4.53 -3.84
CA PRO A 80 9.47 -3.74 -2.64
C PRO A 80 10.10 -4.38 -1.42
N PRO A 81 11.11 -3.75 -0.82
CA PRO A 81 11.77 -4.33 0.36
C PRO A 81 10.99 -4.17 1.65
N GLN A 82 9.81 -3.56 1.62
CA GLN A 82 9.06 -3.33 2.85
C GLN A 82 8.59 -4.65 3.45
N GLY A 83 8.35 -5.66 2.63
CA GLY A 83 7.79 -6.91 3.12
C GLY A 83 6.38 -6.77 3.66
N THR A 84 5.58 -5.88 3.07
CA THR A 84 4.21 -5.66 3.51
C THR A 84 3.29 -6.70 2.86
N SER A 85 1.98 -6.47 2.96
CA SER A 85 1.01 -7.41 2.39
C SER A 85 1.09 -7.47 0.87
N VAL A 86 1.72 -6.49 0.23
CA VAL A 86 1.87 -6.43 -1.22
C VAL A 86 3.35 -6.56 -1.54
N PHE A 87 3.73 -7.61 -2.27
CA PHE A 87 5.13 -7.76 -2.63
C PHE A 87 5.26 -8.59 -3.89
N VAL A 88 6.13 -8.13 -4.79
CA VAL A 88 6.31 -8.76 -6.11
C VAL A 88 7.48 -9.73 -6.05
N ILE A 89 7.27 -10.93 -6.56
CA ILE A 89 8.33 -11.92 -6.74
C ILE A 89 8.63 -11.99 -8.24
N ILE A 90 9.75 -11.39 -8.64
CA ILE A 90 10.07 -11.27 -10.06
C ILE A 90 10.49 -12.64 -10.59
N THR A 91 9.90 -13.04 -11.72
CA THR A 91 10.21 -14.30 -12.36
C THR A 91 10.92 -14.16 -13.70
N LYS A 92 10.64 -13.09 -14.45
CA LYS A 92 11.27 -12.87 -15.74
C LYS A 92 11.77 -11.43 -15.83
N MET A 93 12.98 -11.27 -16.37
CA MET A 93 13.62 -9.97 -16.51
C MET A 93 13.98 -9.72 -17.96
N ILE A 94 13.86 -8.46 -18.39
CA ILE A 94 14.45 -7.97 -19.62
C ILE A 94 15.35 -6.81 -19.23
N VAL A 95 16.66 -6.96 -19.46
CA VAL A 95 17.67 -6.03 -18.95
C VAL A 95 18.29 -5.28 -20.11
N THR A 96 18.37 -3.96 -19.98
CA THR A 96 19.10 -3.11 -20.91
C THR A 96 20.12 -2.31 -20.12
N GLU A 97 21.40 -2.50 -20.43
CA GLU A 97 22.49 -1.92 -19.67
C GLU A 97 23.11 -0.75 -20.40
N ASN A 98 23.67 0.18 -19.62
CA ASN A 98 24.41 1.34 -20.13
C ASN A 98 23.52 2.19 -21.06
N GLN A 99 22.46 2.72 -20.46
CA GLN A 99 21.52 3.60 -21.16
C GLN A 99 21.93 5.05 -20.92
N MET A 100 22.60 5.63 -21.90
CA MET A 100 23.01 7.03 -21.86
C MET A 100 22.09 7.86 -22.74
N GLN A 101 21.99 9.15 -22.42
CA GLN A 101 21.05 10.04 -23.08
C GLN A 101 21.68 10.69 -24.31
N GLY A 102 20.84 10.93 -25.31
CA GLY A 102 21.30 11.54 -26.54
C GLY A 102 20.26 11.33 -27.63
N PHE A 103 20.69 11.61 -28.86
CA PHE A 103 19.88 11.40 -30.05
C PHE A 103 20.16 9.99 -30.57
N CYS A 104 19.15 9.12 -30.51
CA CYS A 104 19.30 7.72 -30.84
C CYS A 104 18.10 7.23 -31.64
N PRO A 105 18.29 6.25 -32.52
CA PRO A 105 17.15 5.62 -33.18
C PRO A 105 16.51 4.55 -32.31
N GLU A 106 15.53 3.83 -32.86
CA GLU A 106 14.83 2.78 -32.14
C GLU A 106 14.74 1.53 -33.00
N SER A 107 14.52 0.40 -32.33
CA SER A 107 14.44 -0.90 -32.99
C SER A 107 13.00 -1.34 -33.25
N GLU A 108 12.02 -0.47 -32.99
CA GLU A 108 10.62 -0.82 -33.20
C GLU A 108 10.32 -0.84 -34.69
N GLU A 109 10.06 -2.04 -35.22
CA GLU A 109 9.75 -2.18 -36.65
C GLU A 109 8.38 -1.62 -37.01
N LYS A 110 7.54 -1.31 -36.03
CA LYS A 110 6.22 -0.74 -36.29
C LYS A 110 6.25 0.75 -36.60
N TYR A 111 7.45 1.34 -36.73
CA TYR A 111 7.56 2.77 -36.95
C TYR A 111 8.43 3.05 -38.17
N ARG A 112 8.17 2.33 -39.26
CA ARG A 112 8.96 2.47 -40.48
C ARG A 112 8.66 3.80 -41.16
N CYS A 113 9.70 4.53 -41.52
CA CYS A 113 9.57 5.77 -42.26
C CYS A 113 10.55 5.78 -43.42
N VAL A 114 10.17 6.47 -44.50
CA VAL A 114 11.07 6.71 -45.62
C VAL A 114 11.29 8.19 -45.87
N SER A 115 10.63 9.08 -45.13
CA SER A 115 10.81 10.52 -45.27
C SER A 115 10.48 11.18 -43.94
N ASP A 116 10.93 12.43 -43.81
CA ASP A 116 10.66 13.18 -42.58
C ASP A 116 9.20 13.58 -42.44
N SER A 117 8.45 13.61 -43.54
CA SER A 117 7.07 14.06 -43.50
C SER A 117 6.24 13.21 -42.54
N GLN A 118 6.44 11.89 -42.58
CA GLN A 118 5.80 11.00 -41.61
C GLN A 118 6.67 10.79 -40.38
N CYS A 119 7.17 11.89 -39.82
CA CYS A 119 7.97 11.84 -38.61
C CYS A 119 7.62 12.92 -37.60
N GLY A 120 6.67 13.80 -37.90
CA GLY A 120 6.24 14.79 -36.95
C GLY A 120 5.42 14.19 -35.83
N PRO A 121 5.02 15.02 -34.87
CA PRO A 121 4.28 14.50 -33.72
C PRO A 121 2.83 14.20 -34.05
N GLN A 122 2.53 12.94 -34.30
CA GLN A 122 1.15 12.48 -34.43
C GLN A 122 0.95 11.08 -33.89
N ARG A 123 1.97 10.45 -33.31
CA ARG A 123 1.95 9.03 -32.98
C ARG A 123 2.28 8.81 -31.51
N PHE A 124 2.52 7.55 -31.11
CA PHE A 124 2.78 7.18 -29.73
C PHE A 124 4.13 6.49 -29.65
N PRO A 125 5.22 7.25 -29.66
CA PRO A 125 6.55 6.63 -29.65
C PRO A 125 6.84 5.90 -28.34
N GLY A 126 7.70 4.89 -28.44
CA GLY A 126 8.09 4.12 -27.27
C GLY A 126 9.50 4.42 -26.81
N GLY A 127 10.25 5.18 -27.60
CA GLY A 127 11.60 5.54 -27.25
C GLY A 127 11.74 6.93 -26.68
N GLY A 128 11.09 7.90 -27.32
CA GLY A 128 11.18 9.28 -26.86
C GLY A 128 10.47 10.19 -27.83
N ILE A 129 10.55 11.49 -27.55
CA ILE A 129 9.90 12.49 -28.39
C ILE A 129 10.58 12.52 -29.75
N LEU A 130 9.79 12.39 -30.81
CA LEU A 130 10.34 12.42 -32.17
C LEU A 130 10.75 13.84 -32.53
N THR A 131 11.89 13.95 -33.23
CA THR A 131 12.41 15.23 -33.68
C THR A 131 12.16 15.47 -35.16
N GLY A 132 11.28 14.67 -35.77
CA GLY A 132 11.02 14.81 -37.19
C GLY A 132 12.19 14.46 -38.08
N ARG A 133 12.90 13.38 -37.76
CA ARG A 133 14.07 12.96 -38.52
C ARG A 133 14.08 11.45 -38.61
N CYS A 134 14.07 10.91 -39.83
CA CYS A 134 14.10 9.48 -40.07
C CYS A 134 15.53 9.09 -40.45
N VAL A 135 16.19 8.36 -39.57
CA VAL A 135 17.59 7.98 -39.74
C VAL A 135 17.69 6.45 -39.75
N ASN A 136 18.74 5.95 -40.40
CA ASN A 136 19.00 4.52 -40.43
C ASN A 136 19.31 4.00 -39.04
N TYR A 137 18.91 2.75 -38.78
CA TYR A 137 19.13 2.15 -37.47
C TYR A 137 20.43 1.36 -37.42
N SER A 138 20.54 0.30 -38.22
CA SER A 138 21.78 -0.48 -38.29
C SER A 138 22.42 -0.44 -39.67
N SER A 139 21.75 -0.94 -40.70
CA SER A 139 22.32 -0.88 -42.04
C SER A 139 21.31 -0.38 -43.07
N THR A 140 20.06 -0.85 -42.97
CA THR A 140 19.01 -0.49 -43.91
C THR A 140 17.69 -0.10 -43.25
N LEU A 141 17.55 -0.31 -41.95
CA LEU A 141 16.31 -0.06 -41.25
C LEU A 141 16.26 1.40 -40.84
N ARG A 142 15.30 2.14 -41.39
CA ARG A 142 15.15 3.57 -41.12
C ARG A 142 13.97 3.80 -40.19
N THR A 143 14.22 4.48 -39.08
CA THR A 143 13.19 4.81 -38.11
C THR A 143 13.36 6.26 -37.65
N CYS A 144 12.31 6.79 -37.06
CA CYS A 144 12.35 8.18 -36.59
C CYS A 144 13.34 8.33 -35.46
N GLU A 145 14.14 9.40 -35.54
CA GLU A 145 15.18 9.66 -34.53
C GLU A 145 14.51 10.20 -33.26
N ILE A 146 14.85 9.60 -32.13
CA ILE A 146 14.26 10.00 -30.85
C ILE A 146 15.35 10.59 -29.97
N GLN A 147 14.92 11.33 -28.96
CA GLN A 147 15.82 11.93 -27.98
C GLN A 147 15.54 11.30 -26.62
N GLY A 148 16.57 10.74 -26.00
CA GLY A 148 16.41 10.07 -24.73
C GLY A 148 17.49 9.02 -24.56
N TRP A 149 17.14 7.98 -23.80
CA TRP A 149 18.07 6.88 -23.57
C TRP A 149 18.34 6.14 -24.87
N CYS A 150 19.63 5.92 -25.18
CA CYS A 150 20.00 5.46 -26.52
C CYS A 150 19.63 4.00 -26.76
N PRO A 151 20.09 3.03 -25.93
CA PRO A 151 19.70 1.64 -26.21
C PRO A 151 18.24 1.37 -25.88
N THR A 152 17.40 1.29 -26.91
CA THR A 152 15.98 1.05 -26.69
C THR A 152 15.76 -0.41 -26.29
N GLU A 153 14.86 -0.61 -25.33
CA GLU A 153 14.57 -1.96 -24.86
C GLU A 153 13.88 -2.78 -25.93
N VAL A 154 14.15 -4.09 -25.91
CA VAL A 154 13.58 -5.03 -26.87
C VAL A 154 12.73 -6.01 -26.07
N ASP A 155 11.41 -5.82 -26.10
CA ASP A 155 10.47 -6.69 -25.39
C ASP A 155 9.87 -7.76 -26.30
N THR A 156 10.60 -8.16 -27.34
CA THR A 156 10.14 -9.18 -28.28
C THR A 156 11.04 -10.41 -28.27
N VAL A 157 11.82 -10.61 -27.23
CA VAL A 157 12.72 -11.75 -27.09
C VAL A 157 12.29 -12.55 -25.88
N GLU A 158 12.00 -13.84 -26.08
CA GLU A 158 11.59 -14.71 -24.99
C GLU A 158 12.82 -15.05 -24.14
N MET A 159 12.99 -14.29 -23.06
CA MET A 159 14.10 -14.55 -22.15
C MET A 159 13.79 -15.77 -21.28
N PRO A 160 14.82 -16.52 -20.88
CA PRO A 160 14.57 -17.72 -20.07
C PRO A 160 13.90 -17.35 -18.74
N VAL A 161 12.91 -18.14 -18.37
CA VAL A 161 12.16 -17.93 -17.14
C VAL A 161 12.95 -18.50 -15.97
N MET A 162 12.85 -17.84 -14.82
CA MET A 162 13.49 -18.31 -13.60
C MET A 162 12.74 -19.54 -13.11
N MET A 163 13.06 -20.69 -13.71
CA MET A 163 12.37 -21.93 -13.39
C MET A 163 12.61 -22.36 -11.96
N GLU A 164 13.62 -21.80 -11.29
CA GLU A 164 13.83 -22.05 -9.87
C GLU A 164 12.82 -21.35 -8.98
N ALA A 165 11.77 -20.75 -9.56
CA ALA A 165 10.80 -19.97 -8.78
C ALA A 165 9.67 -20.82 -8.22
N GLU A 166 9.66 -22.14 -8.47
CA GLU A 166 8.82 -23.02 -7.67
C GLU A 166 9.21 -22.95 -6.19
N ASN A 167 10.48 -22.72 -5.91
CA ASN A 167 11.01 -22.51 -4.57
C ASN A 167 11.02 -21.03 -4.16
N PHE A 168 11.89 -20.65 -3.22
CA PHE A 168 11.79 -19.41 -2.43
C PHE A 168 10.56 -19.33 -1.54
N THR A 169 10.58 -20.07 -0.43
CA THR A 169 9.51 -20.03 0.57
C THR A 169 9.17 -18.59 0.98
N ILE A 170 7.97 -18.44 1.55
CA ILE A 170 7.46 -17.16 2.00
C ILE A 170 7.02 -17.33 3.46
N PHE A 171 7.49 -16.44 4.32
CA PHE A 171 7.12 -16.43 5.73
C PHE A 171 6.14 -15.29 5.97
N ILE A 172 4.96 -15.63 6.49
CA ILE A 172 3.89 -14.66 6.72
C ILE A 172 3.59 -14.65 8.22
N LYS A 173 3.82 -13.50 8.86
CA LYS A 173 3.48 -13.28 10.26
C LYS A 173 2.26 -12.37 10.31
N ASN A 174 1.15 -12.89 10.83
CA ASN A 174 -0.10 -12.16 10.89
C ASN A 174 -0.54 -12.02 12.34
N SER A 175 -0.87 -10.80 12.74
CA SER A 175 -1.34 -10.51 14.09
C SER A 175 -2.58 -9.63 14.01
N ILE A 176 -3.65 -10.02 14.72
CA ILE A 176 -4.92 -9.30 14.64
C ILE A 176 -5.42 -9.02 16.03
N ARG A 177 -6.21 -7.94 16.13
CA ARG A 177 -6.85 -7.53 17.37
C ARG A 177 -8.29 -7.12 17.09
N PHE A 178 -9.19 -7.60 17.96
CA PHE A 178 -10.56 -7.13 18.03
C PHE A 178 -10.65 -6.12 19.16
N PRO A 179 -10.87 -4.83 18.87
CA PRO A 179 -10.82 -3.81 19.93
C PRO A 179 -12.03 -3.81 20.84
N LEU A 180 -13.23 -4.01 20.28
CA LEU A 180 -14.43 -4.04 21.11
C LEU A 180 -14.42 -5.22 22.08
N PHE A 181 -13.96 -6.37 21.60
CA PHE A 181 -13.84 -7.56 22.44
C PHE A 181 -12.51 -7.65 23.17
N ASN A 182 -11.58 -6.72 22.90
CA ASN A 182 -10.24 -6.68 23.44
C ASN A 182 -9.41 -7.87 22.95
N PHE A 183 -9.99 -8.76 22.15
CA PHE A 183 -9.35 -10.02 21.80
C PHE A 183 -8.09 -9.77 20.97
N GLU A 184 -7.15 -10.70 21.05
CA GLU A 184 -5.86 -10.54 20.40
C GLU A 184 -5.32 -11.92 20.04
N LYS A 185 -4.86 -12.09 18.79
CA LYS A 185 -4.34 -13.39 18.39
C LYS A 185 -3.42 -13.23 17.20
N GLY A 186 -2.37 -14.04 17.16
CA GLY A 186 -1.48 -14.11 16.02
C GLY A 186 -1.37 -15.52 15.49
N ASN A 187 -1.04 -15.64 14.20
CA ASN A 187 -0.92 -16.96 13.58
C ASN A 187 0.38 -17.65 13.97
N LEU A 188 1.29 -16.97 14.67
CA LEU A 188 2.51 -17.60 15.17
C LEU A 188 2.27 -18.02 16.62
N LEU A 189 1.66 -19.19 16.78
CA LEU A 189 1.31 -19.69 18.08
C LEU A 189 2.56 -20.15 18.84
N PRO A 190 2.53 -20.11 20.18
CA PRO A 190 3.72 -20.48 20.96
C PRO A 190 4.13 -21.95 20.80
N ASN A 191 3.26 -22.81 20.31
CA ASN A 191 3.57 -24.23 20.17
C ASN A 191 4.60 -24.50 19.07
N LEU A 192 4.94 -23.51 18.26
CA LEU A 192 5.89 -23.66 17.17
C LEU A 192 7.24 -23.07 17.57
N THR A 193 8.29 -23.85 17.40
CA THR A 193 9.65 -23.44 17.75
C THR A 193 10.49 -23.29 16.48
N ALA A 194 11.75 -22.87 16.68
CA ALA A 194 12.65 -22.70 15.54
C ALA A 194 13.01 -24.02 14.89
N ALA A 195 13.12 -25.09 15.67
CA ALA A 195 13.45 -26.39 15.10
C ALA A 195 12.38 -26.86 14.13
N ASP A 196 11.10 -26.63 14.46
CA ASP A 196 10.03 -26.97 13.54
C ASP A 196 10.07 -26.08 12.30
N MET A 197 10.26 -24.77 12.49
CA MET A 197 10.25 -23.84 11.36
C MET A 197 11.45 -24.02 10.45
N LYS A 198 12.51 -24.70 10.91
CA LYS A 198 13.69 -24.89 10.07
C LYS A 198 13.37 -25.66 8.80
N THR A 199 12.57 -26.72 8.93
CA THR A 199 12.22 -27.59 7.81
C THR A 199 10.71 -27.78 7.73
N CYS A 200 9.97 -26.68 7.80
CA CYS A 200 8.52 -26.73 7.78
C CYS A 200 7.97 -26.21 6.45
N ARG A 201 6.99 -26.92 5.91
CA ARG A 201 6.27 -26.52 4.71
C ARG A 201 4.84 -26.17 5.10
N PHE A 202 4.01 -25.89 4.09
CA PHE A 202 2.60 -25.61 4.29
C PHE A 202 1.76 -26.64 3.54
N HIS A 203 0.87 -27.31 4.25
CA HIS A 203 -0.04 -28.27 3.63
C HIS A 203 -1.27 -28.41 4.52
N PRO A 204 -2.45 -28.01 4.03
CA PRO A 204 -3.63 -27.96 4.92
C PRO A 204 -4.30 -29.31 5.13
N ASP A 205 -3.51 -30.35 5.43
CA ASP A 205 -4.06 -31.61 5.88
C ASP A 205 -3.26 -32.13 7.07
N LYS A 206 -1.96 -31.83 7.09
CA LYS A 206 -1.09 -32.22 8.18
C LYS A 206 -0.47 -31.04 8.92
N ALA A 207 -0.25 -29.91 8.24
CA ALA A 207 0.20 -28.67 8.89
C ALA A 207 -0.60 -27.49 8.40
N PRO A 208 -1.89 -27.40 8.78
CA PRO A 208 -2.64 -26.16 8.50
C PRO A 208 -2.05 -24.92 9.14
N PHE A 209 -1.26 -25.07 10.21
CA PHE A 209 -0.89 -23.95 11.06
C PHE A 209 0.49 -23.38 10.77
N CYS A 210 1.31 -24.07 9.99
CA CYS A 210 2.68 -23.61 9.74
C CYS A 210 2.66 -22.43 8.78
N PRO A 211 3.15 -21.26 9.17
CA PRO A 211 3.14 -20.08 8.30
C PRO A 211 4.38 -19.97 7.40
N ILE A 212 4.72 -21.07 6.74
CA ILE A 212 5.82 -21.11 5.79
C ILE A 212 5.26 -21.67 4.48
N LEU A 213 4.83 -20.77 3.60
CA LEU A 213 4.24 -21.17 2.33
C LEU A 213 5.32 -21.40 1.29
N ARG A 214 4.98 -22.19 0.28
CA ARG A 214 5.87 -22.44 -0.85
C ARG A 214 5.21 -21.88 -2.11
N VAL A 215 6.00 -21.17 -2.92
CA VAL A 215 5.46 -20.52 -4.11
C VAL A 215 4.86 -21.56 -5.06
N GLY A 216 5.57 -22.67 -5.27
CA GLY A 216 5.02 -23.75 -6.07
C GLY A 216 3.74 -24.31 -5.49
N ASP A 217 3.72 -24.50 -4.17
CA ASP A 217 2.50 -24.95 -3.50
C ASP A 217 1.39 -23.91 -3.66
N VAL A 218 1.74 -22.62 -3.59
CA VAL A 218 0.73 -21.58 -3.72
C VAL A 218 0.10 -21.60 -5.11
N VAL A 219 0.91 -21.70 -6.16
CA VAL A 219 0.35 -21.74 -7.50
C VAL A 219 -0.42 -23.03 -7.73
N LYS A 220 0.02 -24.15 -7.14
CA LYS A 220 -0.73 -25.40 -7.27
C LYS A 220 -2.10 -25.28 -6.62
N PHE A 221 -2.17 -24.70 -5.41
CA PHE A 221 -3.46 -24.49 -4.77
C PHE A 221 -4.32 -23.50 -5.55
N ALA A 222 -3.70 -22.53 -6.21
CA ALA A 222 -4.47 -21.62 -7.06
C ALA A 222 -5.13 -22.38 -8.20
N GLY A 223 -4.39 -23.28 -8.86
CA GLY A 223 -4.97 -24.14 -9.87
C GLY A 223 -4.46 -23.90 -11.28
N GLN A 224 -3.29 -23.26 -11.40
CA GLN A 224 -2.69 -23.02 -12.71
C GLN A 224 -1.26 -23.52 -12.69
N ASP A 225 -0.77 -23.89 -13.87
CA ASP A 225 0.62 -24.28 -14.03
C ASP A 225 1.52 -23.09 -13.73
N PHE A 226 2.65 -23.35 -13.07
CA PHE A 226 3.54 -22.26 -12.69
C PHE A 226 4.29 -21.68 -13.88
N ALA A 227 4.56 -22.48 -14.90
CA ALA A 227 5.35 -22.00 -16.04
C ALA A 227 4.65 -20.84 -16.73
N LYS A 228 3.35 -20.97 -17.00
CA LYS A 228 2.63 -19.91 -17.70
C LYS A 228 2.55 -18.64 -16.85
N LEU A 229 2.27 -18.78 -15.56
CA LEU A 229 2.17 -17.60 -14.69
C LEU A 229 3.52 -16.90 -14.57
N ALA A 230 4.61 -17.66 -14.40
CA ALA A 230 5.93 -17.07 -14.31
C ALA A 230 6.38 -16.47 -15.63
N ARG A 231 5.87 -16.97 -16.76
CA ARG A 231 6.21 -16.42 -18.05
C ARG A 231 5.37 -15.20 -18.43
N THR A 232 4.18 -15.04 -17.84
CA THR A 232 3.33 -13.91 -18.16
C THR A 232 3.06 -12.97 -17.00
N GLY A 233 3.15 -13.42 -15.75
CA GLY A 233 2.93 -12.57 -14.61
C GLY A 233 1.47 -12.51 -14.17
N GLY A 234 1.29 -12.18 -12.90
CA GLY A 234 -0.05 -12.07 -12.35
C GLY A 234 -0.01 -11.76 -10.87
N VAL A 235 -1.20 -11.65 -10.29
CA VAL A 235 -1.36 -11.41 -8.86
C VAL A 235 -2.12 -12.59 -8.26
N LEU A 236 -1.61 -13.11 -7.15
CA LEU A 236 -2.24 -14.22 -6.43
C LEU A 236 -2.56 -13.73 -5.01
N GLY A 237 -3.85 -13.59 -4.72
CA GLY A 237 -4.29 -13.14 -3.41
C GLY A 237 -4.37 -14.29 -2.43
N ILE A 238 -3.78 -14.08 -1.25
CA ILE A 238 -3.82 -15.04 -0.15
C ILE A 238 -4.65 -14.42 0.95
N LYS A 239 -5.88 -14.92 1.12
CA LYS A 239 -6.80 -14.43 2.12
C LYS A 239 -6.73 -15.29 3.37
N ILE A 240 -6.59 -14.65 4.52
CA ILE A 240 -6.51 -15.32 5.81
C ILE A 240 -7.80 -15.00 6.56
N GLY A 241 -8.76 -15.92 6.52
CA GLY A 241 -10.04 -15.71 7.18
C GLY A 241 -10.02 -16.26 8.60
N TRP A 242 -10.51 -15.45 9.53
CA TRP A 242 -10.56 -15.81 10.95
C TRP A 242 -12.01 -15.80 11.40
N VAL A 243 -12.70 -16.92 11.22
CA VAL A 243 -14.07 -17.09 11.70
C VAL A 243 -13.97 -17.74 13.07
N CYS A 244 -13.81 -16.90 14.10
CA CYS A 244 -13.57 -17.40 15.45
C CYS A 244 -14.89 -17.58 16.21
N ASP A 245 -14.78 -18.23 17.37
CA ASP A 245 -15.93 -18.57 18.21
C ASP A 245 -15.62 -18.15 19.65
N LEU A 246 -15.25 -16.88 19.81
CA LEU A 246 -14.81 -16.35 21.10
C LEU A 246 -15.70 -16.76 22.26
N ASP A 247 -17.00 -16.96 22.01
CA ASP A 247 -17.89 -17.46 23.06
C ASP A 247 -17.41 -18.81 23.58
N ARG A 248 -16.85 -19.64 22.70
CA ARG A 248 -16.27 -20.92 23.09
C ARG A 248 -14.80 -20.69 23.48
N ALA A 249 -14.02 -21.76 23.60
CA ALA A 249 -12.61 -21.63 23.95
C ALA A 249 -11.86 -20.86 22.87
N TRP A 250 -10.87 -20.08 23.30
CA TRP A 250 -10.17 -19.19 22.38
C TRP A 250 -9.27 -19.93 21.40
N ASP A 251 -8.97 -21.20 21.64
CA ASP A 251 -8.13 -21.96 20.73
C ASP A 251 -8.88 -22.49 19.51
N GLN A 252 -10.21 -22.36 19.48
CA GLN A 252 -11.00 -22.83 18.36
C GLN A 252 -11.03 -21.85 17.19
N CYS A 253 -10.54 -20.63 17.37
CA CYS A 253 -10.45 -19.66 16.28
C CYS A 253 -9.21 -20.02 15.46
N ILE A 254 -9.44 -20.65 14.32
CA ILE A 254 -8.37 -21.21 13.48
C ILE A 254 -8.32 -20.44 12.17
N PRO A 255 -7.16 -19.93 11.77
CA PRO A 255 -7.07 -19.23 10.48
C PRO A 255 -7.29 -20.19 9.31
N LYS A 256 -7.89 -19.66 8.25
CA LYS A 256 -8.14 -20.40 7.02
C LYS A 256 -7.48 -19.67 5.87
N TYR A 257 -6.63 -20.38 5.13
CA TYR A 257 -5.89 -19.80 4.02
C TYR A 257 -6.58 -20.14 2.70
N SER A 258 -6.86 -19.12 1.90
CA SER A 258 -7.46 -19.30 0.59
C SER A 258 -6.63 -18.55 -0.44
N PHE A 259 -6.13 -19.26 -1.45
CA PHE A 259 -5.27 -18.69 -2.47
C PHE A 259 -6.02 -18.65 -3.79
N THR A 260 -6.14 -17.47 -4.38
CA THR A 260 -6.92 -17.31 -5.61
C THR A 260 -6.24 -16.30 -6.53
N ARG A 261 -6.22 -16.62 -7.82
CA ARG A 261 -5.76 -15.65 -8.81
C ARG A 261 -6.75 -14.50 -8.90
N LEU A 262 -6.21 -13.30 -9.13
CA LEU A 262 -7.02 -12.09 -9.19
C LEU A 262 -7.14 -11.52 -10.59
N ASP A 263 -6.01 -11.35 -11.30
CA ASP A 263 -6.05 -10.83 -12.66
C ASP A 263 -6.50 -11.90 -13.66
N GLY A 264 -6.38 -13.18 -13.31
CA GLY A 264 -6.71 -14.26 -14.22
C GLY A 264 -8.13 -14.24 -14.71
N VAL A 265 -9.02 -13.57 -13.98
CA VAL A 265 -10.40 -13.42 -14.43
C VAL A 265 -10.46 -12.58 -15.69
N SER A 266 -9.80 -11.42 -15.67
CA SER A 266 -9.71 -10.56 -16.84
C SER A 266 -8.52 -10.91 -17.72
N GLU A 267 -7.86 -12.04 -17.48
CA GLU A 267 -6.65 -12.35 -18.21
C GLU A 267 -6.96 -13.16 -19.47
N LYS A 268 -7.57 -14.34 -19.29
CA LYS A 268 -7.94 -15.27 -20.36
C LYS A 268 -6.94 -15.28 -21.50
N SER A 269 -7.33 -14.75 -22.66
CA SER A 269 -6.44 -14.68 -23.81
C SER A 269 -6.51 -13.33 -24.51
N SER A 270 -6.98 -12.29 -23.83
CA SER A 270 -7.12 -10.98 -24.43
C SER A 270 -5.77 -10.25 -24.41
N VAL A 271 -5.78 -8.95 -24.73
CA VAL A 271 -4.56 -8.17 -24.72
C VAL A 271 -4.07 -7.97 -23.29
N SER A 272 -2.82 -7.51 -23.17
CA SER A 272 -2.14 -7.35 -21.89
C SER A 272 -2.15 -8.68 -21.15
N PRO A 273 -1.38 -9.67 -21.60
CA PRO A 273 -1.55 -11.03 -21.08
C PRO A 273 -0.90 -11.28 -19.73
N GLY A 274 -0.54 -10.20 -19.01
CA GLY A 274 0.04 -10.37 -17.70
C GLY A 274 0.30 -9.05 -17.04
N TYR A 275 0.86 -9.12 -15.84
CA TYR A 275 1.24 -7.95 -15.05
C TYR A 275 2.75 -7.79 -15.10
N ASN A 276 3.22 -6.71 -15.72
CA ASN A 276 4.64 -6.41 -15.82
C ASN A 276 4.87 -4.94 -15.50
N PHE A 277 6.05 -4.64 -14.99
CA PHE A 277 6.41 -3.26 -14.65
C PHE A 277 7.81 -2.97 -15.16
N ARG A 278 8.22 -1.71 -15.02
CA ARG A 278 9.54 -1.25 -15.45
C ARG A 278 10.18 -0.45 -14.33
N PHE A 279 11.46 -0.71 -14.07
CA PHE A 279 12.22 0.11 -13.13
C PHE A 279 13.65 0.18 -13.62
N ALA A 280 14.51 0.86 -12.84
CA ALA A 280 15.87 1.08 -13.28
C ALA A 280 16.78 1.31 -12.08
N LYS A 281 18.07 1.10 -12.30
CA LYS A 281 19.11 1.39 -11.32
C LYS A 281 20.03 2.45 -11.91
N TYR A 282 20.25 3.52 -11.14
CA TYR A 282 20.97 4.70 -11.62
C TYR A 282 22.38 4.72 -11.05
N TYR A 283 23.37 4.89 -11.93
CA TYR A 283 24.77 4.98 -11.55
C TYR A 283 25.39 6.19 -12.25
N LYS A 284 26.61 6.51 -11.84
CA LYS A 284 27.34 7.69 -12.33
C LYS A 284 28.84 7.38 -12.33
N MET A 285 29.51 7.69 -13.44
CA MET A 285 30.96 7.47 -13.52
C MET A 285 31.69 8.48 -12.65
N GLU A 286 33.03 8.44 -12.75
CA GLU A 286 33.85 9.59 -12.39
C GLU A 286 33.73 10.60 -13.52
N ASN A 287 32.57 11.24 -13.61
CA ASN A 287 32.17 11.99 -14.80
C ASN A 287 31.20 13.08 -14.39
N GLY A 288 30.63 13.76 -15.38
CA GLY A 288 29.52 14.66 -15.21
C GLY A 288 28.20 14.13 -15.73
N SER A 289 28.13 12.85 -16.08
CA SER A 289 26.95 12.25 -16.68
C SER A 289 26.53 11.00 -15.91
N GLU A 290 25.23 10.69 -15.97
CA GLU A 290 24.65 9.54 -15.32
C GLU A 290 24.18 8.52 -16.36
N TYR A 291 23.93 7.29 -15.91
CA TYR A 291 23.34 6.28 -16.78
C TYR A 291 22.52 5.34 -15.92
N ARG A 292 21.53 4.71 -16.53
CA ARG A 292 20.68 3.76 -15.82
C ARG A 292 20.64 2.42 -16.54
N THR A 293 20.48 1.37 -15.75
CA THR A 293 20.20 0.03 -16.26
C THR A 293 18.72 -0.24 -16.05
N LEU A 294 18.01 -0.53 -17.14
CA LEU A 294 16.56 -0.65 -17.11
C LEU A 294 16.16 -2.13 -17.05
N LEU A 295 15.27 -2.46 -16.13
CA LEU A 295 14.75 -3.81 -15.96
C LEU A 295 13.24 -3.79 -16.16
N LYS A 296 12.77 -4.54 -17.16
CA LYS A 296 11.36 -4.78 -17.37
C LYS A 296 11.03 -6.15 -16.77
N ALA A 297 10.21 -6.16 -15.73
CA ALA A 297 10.02 -7.34 -14.90
C ALA A 297 8.60 -7.87 -15.04
N PHE A 298 8.50 -9.16 -15.37
CA PHE A 298 7.26 -9.92 -15.26
C PHE A 298 7.34 -10.74 -13.98
N GLY A 299 6.49 -10.43 -13.01
CA GLY A 299 6.55 -11.05 -11.70
C GLY A 299 5.18 -11.51 -11.23
N ILE A 300 5.21 -12.24 -10.12
CA ILE A 300 3.99 -12.71 -9.46
C ILE A 300 3.80 -11.91 -8.18
N ARG A 301 2.99 -10.86 -8.24
CA ARG A 301 2.78 -9.96 -7.11
C ARG A 301 1.82 -10.61 -6.13
N PHE A 302 2.34 -11.04 -4.98
CA PHE A 302 1.52 -11.61 -3.93
C PHE A 302 0.82 -10.51 -3.14
N ASP A 303 -0.48 -10.67 -2.95
CA ASP A 303 -1.32 -9.77 -2.18
C ASP A 303 -1.88 -10.53 -0.99
N VAL A 304 -1.79 -9.93 0.20
CA VAL A 304 -2.27 -10.54 1.43
C VAL A 304 -3.45 -9.74 1.94
N LEU A 305 -4.58 -10.40 2.16
CA LEU A 305 -5.79 -9.77 2.66
C LEU A 305 -6.25 -10.49 3.93
N VAL A 306 -6.68 -9.70 4.92
CA VAL A 306 -7.13 -10.22 6.19
C VAL A 306 -8.59 -9.83 6.38
N TYR A 307 -9.43 -10.82 6.68
CA TYR A 307 -10.84 -10.58 6.93
C TYR A 307 -11.34 -11.60 7.96
N GLY A 308 -12.41 -11.24 8.64
CA GLY A 308 -12.99 -12.13 9.63
C GLY A 308 -13.90 -11.37 10.56
N ASN A 309 -14.48 -12.13 11.49
CA ASN A 309 -15.40 -11.57 12.48
C ASN A 309 -15.44 -12.49 13.69
N ALA A 310 -15.91 -11.94 14.81
CA ALA A 310 -16.04 -12.68 16.06
C ALA A 310 -17.42 -12.46 16.64
N GLY A 311 -17.90 -13.46 17.36
CA GLY A 311 -19.23 -13.41 17.97
C GLY A 311 -19.14 -13.57 19.48
N LYS A 312 -20.03 -12.87 20.19
CA LYS A 312 -20.08 -12.93 21.65
C LYS A 312 -21.53 -13.02 22.09
N PHE A 313 -21.72 -13.62 23.28
CA PHE A 313 -23.07 -13.83 23.79
C PHE A 313 -23.72 -12.51 24.20
N ASN A 314 -22.99 -11.69 24.95
CA ASN A 314 -23.44 -10.36 25.37
C ASN A 314 -24.82 -10.39 26.04
N ILE A 315 -25.52 -9.26 26.03
CA ILE A 315 -26.80 -9.15 26.71
C ILE A 315 -27.88 -8.65 25.75
N ILE A 316 -27.55 -7.63 24.96
CA ILE A 316 -28.58 -6.94 24.18
C ILE A 316 -29.29 -7.84 23.17
N PRO A 317 -28.60 -8.60 22.31
CA PRO A 317 -29.32 -9.33 21.26
C PRO A 317 -30.25 -10.42 21.77
N THR A 318 -30.07 -10.90 23.01
CA THR A 318 -30.92 -11.98 23.51
C THR A 318 -32.38 -11.55 23.58
N ILE A 319 -32.66 -10.42 24.23
CA ILE A 319 -34.04 -9.93 24.30
C ILE A 319 -34.57 -9.49 22.94
N ILE A 320 -33.71 -8.98 22.05
CA ILE A 320 -34.16 -8.61 20.72
C ILE A 320 -34.63 -9.85 19.96
N SER A 321 -33.86 -10.94 20.03
CA SER A 321 -34.27 -12.18 19.38
C SER A 321 -35.51 -12.77 20.05
N SER A 322 -35.62 -12.63 21.37
CA SER A 322 -36.83 -13.09 22.05
C SER A 322 -38.07 -12.33 21.56
N VAL A 323 -37.94 -11.01 21.40
CA VAL A 323 -39.05 -10.21 20.88
C VAL A 323 -39.37 -10.61 19.45
N ALA A 324 -38.35 -10.84 18.63
CA ALA A 324 -38.57 -11.26 17.25
C ALA A 324 -39.31 -12.58 17.20
N ALA A 325 -38.96 -13.52 18.08
CA ALA A 325 -39.70 -14.77 18.17
C ALA A 325 -41.13 -14.54 18.67
N PHE A 326 -41.32 -13.57 19.57
CA PHE A 326 -42.66 -13.24 20.03
C PHE A 326 -43.53 -12.72 18.90
N THR A 327 -42.94 -11.99 17.96
CA THR A 327 -43.71 -11.50 16.81
C THR A 327 -44.27 -12.66 16.00
N SER A 328 -43.49 -13.72 15.82
CA SER A 328 -43.95 -14.89 15.08
C SER A 328 -44.98 -15.67 15.87
N ILE B 23 -48.54 -8.34 32.61
CA ILE B 23 -49.36 -7.19 32.95
C ILE B 23 -49.00 -6.01 32.06
N ASN B 24 -50.01 -5.28 31.60
CA ASN B 24 -49.77 -4.13 30.72
C ASN B 24 -49.21 -2.93 31.47
N ARG B 25 -49.29 -2.92 32.80
CA ARG B 25 -48.79 -1.79 33.57
C ARG B 25 -47.29 -1.63 33.39
N ALA B 26 -46.54 -2.73 33.49
CA ALA B 26 -45.10 -2.68 33.25
C ALA B 26 -44.77 -2.59 31.77
N VAL B 27 -45.64 -3.13 30.91
CA VAL B 27 -45.41 -3.08 29.47
C VAL B 27 -45.46 -1.63 28.98
N GLN B 28 -46.38 -0.83 29.54
CA GLN B 28 -46.48 0.57 29.14
C GLN B 28 -45.18 1.32 29.44
N LEU B 29 -44.57 1.05 30.58
CA LEU B 29 -43.30 1.70 30.91
C LEU B 29 -42.16 1.16 30.05
N LEU B 30 -42.09 -0.16 29.89
CA LEU B 30 -40.99 -0.77 29.14
C LEU B 30 -41.06 -0.45 27.65
N ILE B 31 -42.22 -0.04 27.14
CA ILE B 31 -42.31 0.33 25.73
C ILE B 31 -41.43 1.53 25.44
N ILE B 32 -41.45 2.55 26.32
CA ILE B 32 -40.64 3.74 26.15
C ILE B 32 -39.32 3.68 26.89
N SER B 33 -39.15 2.72 27.81
CA SER B 33 -37.87 2.59 28.51
C SER B 33 -36.75 2.12 27.60
N TYR B 34 -37.08 1.46 26.49
CA TYR B 34 -36.08 0.96 25.55
C TYR B 34 -35.92 1.84 24.32
N PHE B 35 -37.01 2.44 23.83
CA PHE B 35 -36.92 3.27 22.63
C PHE B 35 -36.43 4.67 22.95
N VAL B 36 -37.16 5.39 23.81
CA VAL B 36 -36.77 6.75 24.15
C VAL B 36 -35.48 6.76 24.96
N GLY B 37 -35.34 5.82 25.90
CA GLY B 37 -34.16 5.81 26.74
C GLY B 37 -32.88 5.50 25.99
N TRP B 38 -32.92 4.51 25.09
CA TRP B 38 -31.72 4.04 24.40
C TRP B 38 -31.78 4.29 22.89
N VAL B 39 -32.85 3.84 22.23
CA VAL B 39 -32.90 3.92 20.77
C VAL B 39 -32.94 5.37 20.31
N PHE B 40 -33.76 6.20 20.96
CA PHE B 40 -33.94 7.59 20.54
C PHE B 40 -32.83 8.51 21.06
N LEU B 41 -32.70 8.62 22.38
CA LEU B 41 -31.77 9.59 22.95
C LEU B 41 -30.33 9.14 22.80
N HIS B 42 -30.06 7.85 23.04
CA HIS B 42 -28.67 7.37 23.07
C HIS B 42 -28.22 6.84 21.72
N GLU B 43 -29.06 6.07 21.03
CA GLU B 43 -28.68 5.43 19.77
C GLU B 43 -28.86 6.35 18.56
N LYS B 44 -29.47 7.52 18.73
CA LYS B 44 -29.72 8.46 17.64
C LYS B 44 -30.56 7.78 16.54
N ALA B 45 -31.82 7.51 16.93
CA ALA B 45 -32.71 6.64 16.19
C ALA B 45 -32.71 6.86 14.68
N TYR B 46 -32.49 8.09 14.21
CA TYR B 46 -32.41 8.32 12.77
C TYR B 46 -31.25 7.52 12.17
N GLN B 47 -30.02 7.85 12.57
CA GLN B 47 -28.83 7.06 12.27
C GLN B 47 -28.72 6.74 10.78
N VAL B 48 -28.57 7.81 9.99
CA VAL B 48 -28.28 7.68 8.56
C VAL B 48 -26.76 7.65 8.42
N ARG B 49 -26.23 6.46 8.15
CA ARG B 49 -24.78 6.26 8.17
C ARG B 49 -24.17 6.37 6.79
N ASP B 50 -22.85 6.52 6.76
CA ASP B 50 -22.08 6.52 5.51
C ASP B 50 -20.73 5.88 5.83
N THR B 51 -20.63 4.57 5.61
CA THR B 51 -19.39 3.86 5.87
C THR B 51 -18.33 4.22 4.84
N ALA B 52 -18.74 4.42 3.58
CA ALA B 52 -17.80 4.72 2.51
C ALA B 52 -17.28 6.14 2.62
N ILE B 53 -16.27 6.34 3.47
CA ILE B 53 -15.61 7.63 3.65
C ILE B 53 -14.29 7.58 2.87
N GLU B 54 -14.08 8.55 1.98
CA GLU B 54 -12.86 8.56 1.19
C GLU B 54 -11.81 9.41 1.90
N SER B 55 -10.64 8.82 2.12
CA SER B 55 -9.61 9.39 2.98
C SER B 55 -8.30 9.53 2.22
N SER B 56 -7.52 10.54 2.61
CA SER B 56 -6.17 10.76 2.10
C SER B 56 -5.27 11.11 3.26
N VAL B 57 -4.17 10.38 3.39
CA VAL B 57 -3.20 10.58 4.46
C VAL B 57 -1.82 10.83 3.85
N VAL B 58 -1.19 11.92 4.25
CA VAL B 58 0.16 12.27 3.82
C VAL B 58 1.04 12.35 5.06
N THR B 59 2.10 11.57 5.10
CA THR B 59 2.98 11.49 6.25
C THR B 59 4.37 11.98 5.87
N LYS B 60 4.96 12.83 6.72
CA LYS B 60 6.29 13.39 6.49
C LYS B 60 7.08 13.29 7.78
N VAL B 61 8.20 12.57 7.73
CA VAL B 61 9.07 12.41 8.90
C VAL B 61 10.14 13.49 8.86
N LYS B 62 10.41 14.10 10.01
CA LYS B 62 11.46 15.12 10.09
C LYS B 62 12.31 14.90 11.33
N GLY B 63 13.60 15.12 11.15
CA GLY B 63 14.60 14.93 12.20
C GLY B 63 15.90 14.40 11.61
N PHE B 64 16.95 14.48 12.42
CA PHE B 64 18.28 14.04 12.02
C PHE B 64 18.85 13.10 13.08
N GLY B 65 19.45 12.00 12.62
CA GLY B 65 19.94 10.99 13.54
C GLY B 65 21.41 10.70 13.32
N ARG B 66 22.03 10.15 14.36
CA ARG B 66 23.43 9.75 14.33
C ARG B 66 23.53 8.22 14.37
N TYR B 67 24.29 7.66 13.43
CA TYR B 67 24.52 6.22 13.40
C TYR B 67 25.98 5.97 13.08
N ALA B 68 26.58 5.01 13.80
CA ALA B 68 28.00 4.70 13.69
C ALA B 68 28.85 5.95 13.91
N ASN B 69 29.27 6.59 12.82
CA ASN B 69 30.03 7.83 12.93
C ASN B 69 29.51 8.91 11.99
N ARG B 70 28.35 8.73 11.38
CA ARG B 70 27.77 9.67 10.43
C ARG B 70 26.36 10.07 10.86
N VAL B 71 25.78 10.99 10.11
CA VAL B 71 24.47 11.55 10.39
C VAL B 71 23.57 11.36 9.18
N MET B 72 22.34 10.94 9.42
CA MET B 72 21.36 10.67 8.38
C MET B 72 20.12 11.52 8.59
N ASP B 73 19.40 11.75 7.49
CA ASP B 73 18.21 12.58 7.45
C ASP B 73 17.02 11.79 6.91
N VAL B 74 15.92 12.49 6.63
CA VAL B 74 14.64 11.85 6.31
C VAL B 74 14.78 10.90 5.13
N SER B 75 15.57 11.28 4.14
CA SER B 75 15.75 10.42 2.96
C SER B 75 16.64 9.21 3.24
N ASP B 76 16.96 8.87 4.48
CA ASP B 76 17.84 7.75 4.78
C ASP B 76 17.18 6.66 5.61
N TYR B 77 16.58 6.99 6.76
CA TYR B 77 15.94 5.97 7.58
C TYR B 77 14.49 5.70 7.19
N VAL B 78 13.89 6.55 6.36
CA VAL B 78 12.54 6.32 5.86
C VAL B 78 12.68 5.60 4.53
N THR B 79 12.54 4.28 4.56
CA THR B 79 12.74 3.48 3.35
C THR B 79 11.75 3.81 2.24
N PRO B 80 10.43 3.87 2.48
CA PRO B 80 9.51 4.28 1.41
C PRO B 80 9.39 5.79 1.36
N PRO B 81 9.86 6.42 0.28
CA PRO B 81 9.78 7.88 0.18
C PRO B 81 8.42 8.41 -0.21
N GLN B 82 7.41 7.54 -0.39
CA GLN B 82 6.10 8.00 -0.81
C GLN B 82 5.43 8.84 0.27
N GLY B 83 5.74 8.58 1.53
CA GLY B 83 5.06 9.26 2.62
C GLY B 83 3.60 8.93 2.73
N THR B 84 3.22 7.70 2.39
CA THR B 84 1.83 7.28 2.45
C THR B 84 1.47 6.85 3.88
N SER B 85 0.32 6.19 4.04
CA SER B 85 -0.11 5.73 5.35
C SER B 85 0.82 4.66 5.94
N VAL B 86 1.64 4.02 5.11
CA VAL B 86 2.56 2.99 5.54
C VAL B 86 3.98 3.51 5.32
N PHE B 87 4.74 3.64 6.41
CA PHE B 87 6.12 4.11 6.25
C PHE B 87 6.97 3.60 7.40
N VAL B 88 8.17 3.13 7.07
CA VAL B 88 9.07 2.52 8.05
C VAL B 88 10.07 3.58 8.53
N ILE B 89 10.24 3.66 9.85
CA ILE B 89 11.28 4.48 10.47
C ILE B 89 12.35 3.55 10.98
N ILE B 90 13.48 3.49 10.27
CA ILE B 90 14.53 2.54 10.58
C ILE B 90 15.25 2.97 11.86
N THR B 91 15.41 2.03 12.78
CA THR B 91 16.08 2.29 14.05
C THR B 91 17.41 1.56 14.19
N LYS B 92 17.54 0.38 13.61
CA LYS B 92 18.78 -0.40 13.69
C LYS B 92 19.17 -0.90 12.31
N MET B 93 20.46 -0.79 12.00
CA MET B 93 21.00 -1.21 10.71
C MET B 93 22.11 -2.24 10.91
N ILE B 94 22.17 -3.19 9.99
CA ILE B 94 23.33 -4.06 9.82
C ILE B 94 23.80 -3.89 8.38
N VAL B 95 25.01 -3.37 8.21
CA VAL B 95 25.52 -2.94 6.92
C VAL B 95 26.65 -3.86 6.48
N THR B 96 26.57 -4.35 5.24
CA THR B 96 27.65 -5.10 4.61
C THR B 96 28.01 -4.39 3.31
N GLU B 97 29.26 -3.92 3.22
CA GLU B 97 29.72 -3.10 2.11
C GLU B 97 30.58 -3.91 1.15
N ASN B 98 30.56 -3.49 -0.12
CA ASN B 98 31.39 -4.07 -1.17
C ASN B 98 31.13 -5.57 -1.32
N GLN B 99 29.89 -5.88 -1.71
CA GLN B 99 29.46 -7.25 -1.95
C GLN B 99 29.60 -7.55 -3.44
N MET B 100 30.67 -8.25 -3.79
CA MET B 100 30.92 -8.66 -5.16
C MET B 100 30.61 -10.15 -5.31
N GLN B 101 30.28 -10.54 -6.54
CA GLN B 101 29.82 -11.91 -6.80
C GLN B 101 30.99 -12.83 -7.11
N GLY B 102 30.85 -14.08 -6.72
CA GLY B 102 31.88 -15.08 -6.95
C GLY B 102 31.65 -16.28 -6.06
N PHE B 103 32.68 -17.13 -5.98
CA PHE B 103 32.66 -18.30 -5.12
C PHE B 103 33.26 -17.90 -3.77
N CYS B 104 32.44 -17.92 -2.74
CA CYS B 104 32.82 -17.44 -1.42
C CYS B 104 32.30 -18.40 -0.34
N PRO B 105 32.99 -18.50 0.79
CA PRO B 105 32.44 -19.25 1.93
C PRO B 105 31.49 -18.40 2.75
N GLU B 106 31.01 -18.94 3.88
CA GLU B 106 30.08 -18.24 4.74
C GLU B 106 30.55 -18.35 6.18
N SER B 107 30.05 -17.42 7.01
CA SER B 107 30.42 -17.36 8.42
C SER B 107 29.39 -18.03 9.33
N GLU B 108 28.40 -18.69 8.76
CA GLU B 108 27.36 -19.36 9.55
C GLU B 108 27.95 -20.60 10.20
N GLU B 109 28.09 -20.57 11.54
CA GLU B 109 28.64 -21.72 12.27
C GLU B 109 27.68 -22.90 12.32
N LYS B 110 26.41 -22.70 11.94
CA LYS B 110 25.44 -23.79 11.92
C LYS B 110 25.58 -24.70 10.70
N TYR B 111 26.60 -24.50 9.88
CA TYR B 111 26.74 -25.28 8.66
C TYR B 111 28.13 -25.91 8.60
N ARG B 112 28.56 -26.51 9.70
CA ARG B 112 29.88 -27.11 9.79
C ARG B 112 29.94 -28.39 8.95
N CYS B 113 30.98 -28.50 8.12
CA CYS B 113 31.22 -29.70 7.33
C CYS B 113 32.68 -30.10 7.45
N VAL B 114 32.93 -31.40 7.35
CA VAL B 114 34.29 -31.93 7.27
C VAL B 114 34.54 -32.69 5.98
N SER B 115 33.53 -32.88 5.14
CA SER B 115 33.69 -33.57 3.87
C SER B 115 32.65 -33.04 2.90
N ASP B 116 32.87 -33.31 1.61
CA ASP B 116 31.93 -32.86 0.58
C ASP B 116 30.62 -33.63 0.61
N SER B 117 30.62 -34.84 1.20
CA SER B 117 29.42 -35.66 1.20
C SER B 117 28.25 -34.95 1.86
N GLN B 118 28.50 -34.27 2.97
CA GLN B 118 27.46 -33.44 3.60
C GLN B 118 27.51 -32.00 3.08
N CYS B 119 27.56 -31.86 1.75
CA CYS B 119 27.55 -30.55 1.14
C CYS B 119 26.65 -30.46 -0.09
N GLY B 120 25.98 -31.56 -0.47
CA GLY B 120 25.05 -31.51 -1.57
C GLY B 120 23.77 -30.78 -1.19
N PRO B 121 22.87 -30.64 -2.17
CA PRO B 121 21.63 -29.89 -1.90
C PRO B 121 20.63 -30.70 -1.09
N GLN B 122 20.59 -30.44 0.22
CA GLN B 122 19.54 -30.96 1.07
C GLN B 122 19.14 -30.00 2.18
N ARG B 123 19.70 -28.79 2.21
CA ARG B 123 19.57 -27.90 3.35
C ARG B 123 19.04 -26.53 2.91
N PHE B 124 19.08 -25.54 3.81
CA PHE B 124 18.53 -24.21 3.57
C PHE B 124 19.65 -23.19 3.75
N PRO B 125 20.51 -23.03 2.76
CA PRO B 125 21.65 -22.10 2.90
C PRO B 125 21.19 -20.66 2.99
N GLY B 126 22.00 -19.84 3.66
CA GLY B 126 21.72 -18.43 3.80
C GLY B 126 22.61 -17.55 2.95
N GLY B 127 23.64 -18.14 2.35
CA GLY B 127 24.55 -17.40 1.50
C GLY B 127 24.26 -17.57 0.02
N GLY B 128 24.04 -18.80 -0.41
CA GLY B 128 23.79 -19.06 -1.82
C GLY B 128 23.69 -20.55 -2.06
N ILE B 129 23.55 -20.91 -3.34
CA ILE B 129 23.42 -22.31 -3.72
C ILE B 129 24.74 -23.02 -3.47
N LEU B 130 24.69 -24.12 -2.72
CA LEU B 130 25.88 -24.88 -2.43
C LEU B 130 26.37 -25.63 -3.67
N THR B 131 27.69 -25.66 -3.85
CA THR B 131 28.31 -26.35 -4.98
C THR B 131 28.92 -27.68 -4.57
N GLY B 132 28.57 -28.19 -3.39
CA GLY B 132 29.14 -29.44 -2.91
C GLY B 132 30.62 -29.37 -2.62
N ARG B 133 31.09 -28.30 -2.01
CA ARG B 133 32.50 -28.11 -1.71
C ARG B 133 32.64 -27.47 -0.34
N CYS B 134 33.33 -28.14 0.58
CA CYS B 134 33.57 -27.64 1.92
C CYS B 134 34.98 -27.07 1.97
N VAL B 135 35.07 -25.74 2.11
CA VAL B 135 36.35 -25.03 2.09
C VAL B 135 36.51 -24.29 3.41
N ASN B 136 37.76 -24.04 3.77
CA ASN B 136 38.07 -23.27 4.97
C ASN B 136 37.59 -21.84 4.84
N TYR B 137 37.17 -21.25 5.97
CA TYR B 137 36.65 -19.88 5.95
C TYR B 137 37.74 -18.87 6.25
N SER B 138 38.34 -18.93 7.44
CA SER B 138 39.43 -18.02 7.79
C SER B 138 40.73 -18.76 8.06
N SER B 139 40.78 -19.63 9.07
CA SER B 139 42.00 -20.39 9.34
C SER B 139 41.70 -21.87 9.57
N THR B 140 40.64 -22.16 10.32
CA THR B 140 40.29 -23.53 10.66
C THR B 140 38.81 -23.84 10.47
N LEU B 141 37.97 -22.84 10.21
CA LEU B 141 36.52 -23.02 10.12
C LEU B 141 36.19 -23.42 8.68
N ARG B 142 35.66 -24.63 8.52
CA ARG B 142 35.33 -25.16 7.20
C ARG B 142 33.82 -25.14 7.02
N THR B 143 33.37 -24.51 5.93
CA THR B 143 31.95 -24.42 5.60
C THR B 143 31.77 -24.67 4.11
N CYS B 144 30.53 -24.99 3.72
CA CYS B 144 30.24 -25.27 2.33
C CYS B 144 30.43 -24.02 1.48
N GLU B 145 31.08 -24.19 0.34
CA GLU B 145 31.36 -23.08 -0.57
C GLU B 145 30.08 -22.69 -1.30
N ILE B 146 29.75 -21.41 -1.28
CA ILE B 146 28.54 -20.92 -1.93
C ILE B 146 28.91 -20.01 -3.09
N GLN B 147 27.95 -19.81 -3.99
CA GLN B 147 28.11 -18.93 -5.14
C GLN B 147 27.17 -17.75 -4.98
N GLY B 148 27.71 -16.55 -5.03
CA GLY B 148 26.89 -15.36 -4.83
C GLY B 148 27.74 -14.22 -4.30
N TRP B 149 27.09 -13.34 -3.55
CA TRP B 149 27.79 -12.21 -2.95
C TRP B 149 28.78 -12.72 -1.90
N CYS B 150 30.02 -12.23 -1.98
CA CYS B 150 31.10 -12.85 -1.20
C CYS B 150 30.99 -12.51 0.28
N PRO B 151 30.97 -11.24 0.72
CA PRO B 151 30.88 -10.97 2.16
C PRO B 151 29.49 -11.30 2.70
N THR B 152 29.37 -12.42 3.40
CA THR B 152 28.09 -12.82 3.96
C THR B 152 27.75 -11.96 5.17
N GLU B 153 26.48 -11.57 5.27
CA GLU B 153 26.04 -10.72 6.37
C GLU B 153 26.12 -11.47 7.69
N VAL B 154 26.39 -10.72 8.77
CA VAL B 154 26.49 -11.27 10.11
C VAL B 154 25.40 -10.62 10.94
N ASP B 155 24.31 -11.36 11.18
CA ASP B 155 23.19 -10.87 11.96
C ASP B 155 23.25 -11.33 13.42
N THR B 156 24.45 -11.57 13.94
CA THR B 156 24.64 -12.02 15.32
C THR B 156 25.45 -11.02 16.13
N VAL B 157 25.53 -9.77 15.69
CA VAL B 157 26.25 -8.71 16.39
C VAL B 157 25.25 -7.63 16.78
N GLU B 158 25.20 -7.32 18.07
CA GLU B 158 24.29 -6.29 18.57
C GLU B 158 24.85 -4.92 18.19
N MET B 159 24.35 -4.38 17.09
CA MET B 159 24.78 -3.06 16.66
C MET B 159 24.10 -1.99 17.52
N PRO B 160 24.76 -0.85 17.72
CA PRO B 160 24.16 0.20 18.56
C PRO B 160 22.85 0.70 17.95
N VAL B 161 21.87 0.87 18.82
CA VAL B 161 20.54 1.34 18.40
C VAL B 161 20.58 2.85 18.25
N MET B 162 19.82 3.35 17.27
CA MET B 162 19.69 4.79 17.06
C MET B 162 18.86 5.37 18.20
N MET B 163 19.53 5.60 19.33
CA MET B 163 18.82 6.10 20.52
C MET B 163 18.25 7.48 20.30
N GLU B 164 18.68 8.20 19.27
CA GLU B 164 18.08 9.48 18.91
C GLU B 164 16.70 9.33 18.27
N ALA B 165 16.14 8.12 18.26
CA ALA B 165 14.86 7.89 17.59
C ALA B 165 13.66 8.17 18.47
N GLU B 166 13.86 8.59 19.73
CA GLU B 166 12.76 9.20 20.47
C GLU B 166 12.24 10.45 19.75
N ASN B 167 13.14 11.16 19.07
CA ASN B 167 12.81 12.32 18.23
C ASN B 167 12.52 11.93 16.78
N PHE B 168 12.69 12.87 15.84
CA PHE B 168 12.11 12.84 14.49
C PHE B 168 10.59 12.88 14.47
N THR B 169 10.03 14.07 14.71
CA THR B 169 8.58 14.29 14.63
C THR B 169 7.99 13.76 13.32
N ILE B 170 6.68 13.54 13.33
CA ILE B 170 5.93 13.04 12.18
C ILE B 170 4.77 14.00 11.94
N PHE B 171 4.64 14.47 10.70
CA PHE B 171 3.54 15.33 10.29
C PHE B 171 2.54 14.51 9.50
N ILE B 172 1.28 14.50 9.95
CA ILE B 172 0.22 13.71 9.33
C ILE B 172 -0.86 14.69 8.87
N LYS B 173 -1.09 14.72 7.55
CA LYS B 173 -2.16 15.52 6.96
C LYS B 173 -3.24 14.56 6.49
N ASN B 174 -4.42 14.66 7.10
CA ASN B 174 -5.53 13.76 6.80
C ASN B 174 -6.71 14.58 6.28
N SER B 175 -7.27 14.15 5.16
CA SER B 175 -8.43 14.80 4.55
C SER B 175 -9.46 13.74 4.18
N ILE B 176 -10.71 13.95 4.58
CA ILE B 176 -11.75 12.95 4.35
C ILE B 176 -12.98 13.62 3.74
N ARG B 177 -13.73 12.81 2.99
CA ARG B 177 -14.98 13.25 2.37
C ARG B 177 -16.04 12.17 2.55
N PHE B 178 -17.24 12.60 2.92
CA PHE B 178 -18.44 11.79 2.88
C PHE B 178 -19.18 12.13 1.60
N PRO B 179 -19.28 11.20 0.64
CA PRO B 179 -19.87 11.54 -0.66
C PRO B 179 -21.39 11.65 -0.62
N LEU B 180 -22.05 10.76 0.10
CA LEU B 180 -23.51 10.81 0.19
C LEU B 180 -23.98 12.09 0.87
N PHE B 181 -23.28 12.50 1.93
CA PHE B 181 -23.60 13.73 2.64
C PHE B 181 -22.90 14.95 2.06
N ASN B 182 -22.02 14.75 1.07
CA ASN B 182 -21.20 15.79 0.43
C ASN B 182 -20.18 16.36 1.41
N PHE B 183 -20.18 15.89 2.67
CA PHE B 183 -19.38 16.53 3.71
C PHE B 183 -17.89 16.39 3.41
N GLU B 184 -17.11 17.33 3.93
CA GLU B 184 -15.69 17.39 3.64
C GLU B 184 -14.97 18.01 4.83
N LYS B 185 -13.89 17.38 5.28
CA LYS B 185 -13.17 17.93 6.42
C LYS B 185 -11.75 17.40 6.46
N GLY B 186 -10.81 18.25 6.87
CA GLY B 186 -9.43 17.86 7.07
C GLY B 186 -8.98 18.17 8.48
N ASN B 187 -7.99 17.41 8.96
CA ASN B 187 -7.47 17.62 10.30
C ASN B 187 -6.58 18.85 10.40
N LEU B 188 -6.26 19.49 9.27
CA LEU B 188 -5.49 20.73 9.28
C LEU B 188 -6.47 21.91 9.20
N LEU B 189 -7.01 22.27 10.36
CA LEU B 189 -8.00 23.32 10.43
C LEU B 189 -7.36 24.69 10.18
N PRO B 190 -8.14 25.66 9.68
CA PRO B 190 -7.56 26.98 9.37
C PRO B 190 -7.07 27.74 10.59
N ASN B 191 -7.48 27.36 11.81
CA ASN B 191 -7.06 28.05 13.01
C ASN B 191 -5.58 27.86 13.34
N LEU B 192 -4.89 26.94 12.66
CA LEU B 192 -3.49 26.65 12.91
C LEU B 192 -2.64 27.32 11.84
N THR B 193 -1.63 28.06 12.27
CA THR B 193 -0.72 28.77 11.38
C THR B 193 0.68 28.16 11.46
N ALA B 194 1.59 28.70 10.64
CA ALA B 194 2.96 28.21 10.63
C ALA B 194 3.69 28.50 11.93
N ALA B 195 3.41 29.64 12.57
CA ALA B 195 4.05 29.97 13.82
C ALA B 195 3.74 28.95 14.90
N ASP B 196 2.48 28.50 14.96
CA ASP B 196 2.12 27.45 15.91
C ASP B 196 2.80 26.13 15.56
N MET B 197 2.79 25.75 14.28
CA MET B 197 3.37 24.47 13.87
C MET B 197 4.88 24.45 14.00
N LYS B 198 5.54 25.61 14.13
CA LYS B 198 6.99 25.63 14.24
C LYS B 198 7.47 24.89 15.48
N THR B 199 6.79 25.10 16.61
CA THR B 199 7.17 24.50 17.89
C THR B 199 5.97 23.81 18.54
N CYS B 200 5.26 23.00 17.76
CA CYS B 200 4.07 22.32 18.24
C CYS B 200 4.34 20.83 18.42
N ARG B 201 3.87 20.29 19.54
CA ARG B 201 3.91 18.86 19.84
C ARG B 201 2.49 18.31 19.81
N PHE B 202 2.35 17.04 20.17
CA PHE B 202 1.06 16.38 20.27
C PHE B 202 0.84 15.90 21.70
N HIS B 203 -0.27 16.32 22.30
CA HIS B 203 -0.63 15.87 23.64
C HIS B 203 -2.14 16.02 23.81
N PRO B 204 -2.87 14.91 23.98
CA PRO B 204 -4.33 14.99 23.97
C PRO B 204 -4.94 15.46 25.29
N ASP B 205 -4.39 16.54 25.86
CA ASP B 205 -5.04 17.21 26.98
C ASP B 205 -5.02 18.72 26.77
N LYS B 206 -3.97 19.20 26.11
CA LYS B 206 -3.84 20.62 25.80
C LYS B 206 -3.78 20.92 24.30
N ALA B 207 -3.29 19.99 23.48
CA ALA B 207 -3.34 20.12 22.03
C ALA B 207 -3.79 18.80 21.40
N PRO B 208 -5.08 18.44 21.55
CA PRO B 208 -5.60 17.30 20.79
C PRO B 208 -5.53 17.48 19.28
N PHE B 209 -5.48 18.71 18.80
CA PHE B 209 -5.69 19.01 17.39
C PHE B 209 -4.42 19.18 16.58
N CYS B 210 -3.26 19.32 17.24
CA CYS B 210 -2.02 19.56 16.52
C CYS B 210 -1.55 18.28 15.82
N PRO B 211 -1.42 18.27 14.49
CA PRO B 211 -1.00 17.05 13.77
C PRO B 211 0.51 16.92 13.64
N ILE B 212 1.22 17.10 14.75
CA ILE B 212 2.67 16.93 14.79
C ILE B 212 2.95 15.95 15.92
N LEU B 213 3.04 14.67 15.58
CA LEU B 213 3.28 13.63 16.57
C LEU B 213 4.77 13.47 16.83
N ARG B 214 5.10 12.93 17.99
CA ARG B 214 6.47 12.62 18.37
C ARG B 214 6.61 11.11 18.52
N VAL B 215 7.67 10.54 17.95
CA VAL B 215 7.86 9.09 17.97
C VAL B 215 7.94 8.59 19.40
N GLY B 216 8.70 9.29 20.25
CA GLY B 216 8.75 8.92 21.66
C GLY B 216 7.39 9.02 22.33
N ASP B 217 6.64 10.09 22.02
CA ASP B 217 5.28 10.21 22.54
C ASP B 217 4.41 9.09 22.00
N VAL B 218 4.59 8.70 20.74
CA VAL B 218 3.78 7.63 20.17
C VAL B 218 4.03 6.31 20.88
N VAL B 219 5.29 5.96 21.10
CA VAL B 219 5.58 4.70 21.79
C VAL B 219 5.14 4.78 23.25
N LYS B 220 5.22 5.95 23.88
CA LYS B 220 4.74 6.07 25.26
C LYS B 220 3.23 5.85 25.33
N PHE B 221 2.47 6.44 24.40
CA PHE B 221 1.03 6.22 24.37
C PHE B 221 0.70 4.77 24.03
N ALA B 222 1.54 4.12 23.22
CA ALA B 222 1.33 2.70 22.96
C ALA B 222 1.46 1.88 24.24
N GLY B 223 2.47 2.16 25.05
CA GLY B 223 2.61 1.53 26.35
C GLY B 223 3.80 0.61 26.50
N GLN B 224 4.80 0.77 25.63
CA GLN B 224 6.02 -0.02 25.71
C GLN B 224 7.23 0.89 25.73
N ASP B 225 8.31 0.42 26.33
CA ASP B 225 9.57 1.14 26.32
C ASP B 225 10.09 1.23 24.89
N PHE B 226 10.68 2.39 24.55
CA PHE B 226 11.14 2.60 23.17
C PHE B 226 12.39 1.79 22.86
N ALA B 227 13.22 1.52 23.87
CA ALA B 227 14.49 0.83 23.63
C ALA B 227 14.25 -0.57 23.05
N LYS B 228 13.33 -1.32 23.66
CA LYS B 228 13.06 -2.68 23.19
C LYS B 228 12.47 -2.67 21.78
N LEU B 229 11.52 -1.77 21.52
CA LEU B 229 10.90 -1.73 20.20
C LEU B 229 11.90 -1.32 19.13
N ALA B 230 12.74 -0.33 19.42
CA ALA B 230 13.76 0.10 18.48
C ALA B 230 14.84 -0.96 18.29
N ARG B 231 15.07 -1.81 19.29
CA ARG B 231 16.05 -2.88 19.16
C ARG B 231 15.50 -4.12 18.48
N THR B 232 14.18 -4.32 18.47
CA THR B 232 13.59 -5.49 17.85
C THR B 232 12.68 -5.18 16.66
N GLY B 233 12.07 -4.00 16.61
CA GLY B 233 11.21 -3.64 15.50
C GLY B 233 9.76 -4.04 15.72
N GLY B 234 8.88 -3.34 15.02
CA GLY B 234 7.46 -3.61 15.12
C GLY B 234 6.66 -2.63 14.30
N VAL B 235 5.34 -2.81 14.34
CA VAL B 235 4.40 -1.93 13.66
C VAL B 235 3.49 -1.29 14.71
N LEU B 236 3.32 0.02 14.62
CA LEU B 236 2.45 0.77 15.52
C LEU B 236 1.38 1.45 14.69
N GLY B 237 0.14 0.99 14.83
CA GLY B 237 -0.98 1.56 14.09
C GLY B 237 -1.54 2.79 14.77
N ILE B 238 -1.71 3.85 13.99
CA ILE B 238 -2.31 5.09 14.45
C ILE B 238 -3.65 5.23 13.76
N LYS B 239 -4.74 5.02 14.50
CA LYS B 239 -6.09 5.09 13.97
C LYS B 239 -6.68 6.47 14.26
N ILE B 240 -7.23 7.09 13.24
CA ILE B 240 -7.85 8.40 13.34
C ILE B 240 -9.36 8.20 13.16
N GLY B 241 -10.08 8.15 14.28
CA GLY B 241 -11.52 7.94 14.23
C GLY B 241 -12.27 9.25 14.20
N TRP B 242 -13.24 9.34 13.29
CA TRP B 242 -14.05 10.55 13.11
C TRP B 242 -15.51 10.19 13.37
N VAL B 243 -15.91 10.25 14.63
CA VAL B 243 -17.31 10.04 15.02
C VAL B 243 -17.96 11.42 15.06
N CYS B 244 -18.44 11.87 13.91
CA CYS B 244 -18.98 13.22 13.78
C CYS B 244 -20.48 13.24 14.07
N ASP B 245 -21.01 14.47 14.18
CA ASP B 245 -22.41 14.71 14.52
C ASP B 245 -22.98 15.74 13.54
N LEU B 246 -22.82 15.44 12.23
CA LEU B 246 -23.20 16.37 11.16
C LEU B 246 -24.57 16.99 11.38
N ASP B 247 -25.50 16.28 12.04
CA ASP B 247 -26.78 16.88 12.37
C ASP B 247 -26.62 18.12 13.23
N ARG B 248 -25.62 18.13 14.11
CA ARG B 248 -25.29 19.28 14.93
C ARG B 248 -24.32 20.17 14.15
N ALA B 249 -23.68 21.12 14.82
CA ALA B 249 -22.71 21.99 14.16
C ALA B 249 -21.53 21.18 13.64
N TRP B 250 -20.98 21.61 12.50
CA TRP B 250 -19.93 20.85 11.84
C TRP B 250 -18.61 20.88 12.59
N ASP B 251 -18.43 21.79 13.54
CA ASP B 251 -17.18 21.87 14.28
C ASP B 251 -17.10 20.86 15.41
N GLN B 252 -18.19 20.13 15.70
CA GLN B 252 -18.19 19.15 16.76
C GLN B 252 -17.61 17.81 16.33
N CYS B 253 -17.37 17.60 15.04
CA CYS B 253 -16.73 16.38 14.55
C CYS B 253 -15.24 16.51 14.81
N ILE B 254 -14.76 15.85 15.84
CA ILE B 254 -13.38 16.00 16.32
C ILE B 254 -12.65 14.68 16.09
N PRO B 255 -11.49 14.68 15.44
CA PRO B 255 -10.73 13.44 15.27
C PRO B 255 -10.21 12.91 16.60
N LYS B 256 -10.15 11.59 16.70
CA LYS B 256 -9.63 10.90 17.87
C LYS B 256 -8.48 10.02 17.45
N TYR B 257 -7.32 10.19 18.09
CA TYR B 257 -6.12 9.44 17.76
C TYR B 257 -5.93 8.29 18.75
N SER B 258 -5.78 7.08 18.21
CA SER B 258 -5.53 5.90 19.03
C SER B 258 -4.30 5.18 18.49
N PHE B 259 -3.29 5.00 19.34
CA PHE B 259 -2.04 4.38 18.95
C PHE B 259 -1.93 3.02 19.62
N THR B 260 -1.76 1.96 18.82
CA THR B 260 -1.73 0.61 19.34
C THR B 260 -0.70 -0.22 18.60
N ARG B 261 0.05 -1.03 19.33
CA ARG B 261 0.93 -2.00 18.70
C ARG B 261 0.12 -3.08 18.01
N LEU B 262 0.62 -3.55 16.87
CA LEU B 262 -0.07 -4.55 16.07
C LEU B 262 0.59 -5.91 16.11
N ASP B 263 1.90 -5.99 15.87
CA ASP B 263 2.61 -7.27 15.94
C ASP B 263 2.84 -7.72 17.36
N GLY B 264 2.81 -6.81 18.33
CA GLY B 264 3.11 -7.15 19.72
C GLY B 264 2.20 -8.20 20.29
N VAL B 265 1.01 -8.38 19.72
CA VAL B 265 0.11 -9.44 20.15
C VAL B 265 0.72 -10.81 19.88
N SER B 266 1.20 -11.02 18.65
CA SER B 266 1.89 -12.25 18.29
C SER B 266 3.39 -12.18 18.56
N GLU B 267 3.84 -11.15 19.27
CA GLU B 267 5.28 -10.98 19.46
C GLU B 267 5.76 -11.70 20.72
N LYS B 268 5.21 -11.31 21.88
CA LYS B 268 5.55 -11.84 23.19
C LYS B 268 7.02 -12.21 23.32
N SER B 269 7.31 -13.51 23.39
CA SER B 269 8.69 -13.98 23.48
C SER B 269 8.96 -15.17 22.56
N SER B 270 8.14 -15.37 21.54
CA SER B 270 8.29 -16.49 20.63
C SER B 270 9.35 -16.18 19.58
N VAL B 271 9.45 -17.03 18.56
CA VAL B 271 10.44 -16.80 17.49
C VAL B 271 10.03 -15.60 16.66
N SER B 272 10.98 -15.13 15.84
CA SER B 272 10.82 -13.92 15.03
C SER B 272 10.46 -12.75 15.94
N PRO B 273 11.40 -12.27 16.75
CA PRO B 273 11.05 -11.32 17.82
C PRO B 273 10.84 -9.89 17.34
N GLY B 274 10.68 -9.69 16.04
CA GLY B 274 10.43 -8.35 15.54
C GLY B 274 10.22 -8.36 14.04
N TYR B 275 10.02 -7.15 13.51
CA TYR B 275 9.83 -6.93 12.08
C TYR B 275 11.11 -6.33 11.51
N ASN B 276 11.78 -7.07 10.63
CA ASN B 276 13.00 -6.61 9.99
C ASN B 276 12.93 -6.95 8.51
N PHE B 277 13.62 -6.14 7.70
CA PHE B 277 13.66 -6.36 6.26
C PHE B 277 15.09 -6.22 5.76
N ARG B 278 15.28 -6.50 4.48
CA ARG B 278 16.59 -6.42 3.84
C ARG B 278 16.45 -5.65 2.53
N PHE B 279 17.39 -4.72 2.29
CA PHE B 279 17.45 -4.04 1.00
C PHE B 279 18.91 -3.77 0.67
N ALA B 280 19.15 -3.10 -0.45
CA ALA B 280 20.52 -2.88 -0.89
C ALA B 280 20.59 -1.66 -1.80
N LYS B 281 21.79 -1.12 -1.92
CA LYS B 281 22.10 -0.02 -2.83
C LYS B 281 23.13 -0.51 -3.84
N TYR B 282 22.83 -0.34 -5.13
CA TYR B 282 23.62 -0.90 -6.21
C TYR B 282 24.48 0.17 -6.85
N TYR B 283 25.79 -0.08 -6.97
CA TYR B 283 26.72 0.81 -7.61
C TYR B 283 27.58 0.04 -8.61
N LYS B 284 28.34 0.77 -9.42
CA LYS B 284 29.15 0.21 -10.49
C LYS B 284 30.40 1.05 -10.65
N MET B 285 31.57 0.41 -10.72
CA MET B 285 32.82 1.12 -10.93
C MET B 285 32.90 1.67 -12.36
N GLU B 286 34.05 2.23 -12.69
CA GLU B 286 34.49 2.36 -14.07
C GLU B 286 34.96 0.98 -14.53
N ASN B 287 34.02 0.07 -14.71
CA ASN B 287 34.32 -1.36 -14.83
C ASN B 287 33.22 -2.02 -15.66
N GLY B 288 33.28 -3.35 -15.72
CA GLY B 288 32.21 -4.16 -16.25
C GLY B 288 31.43 -4.93 -15.20
N SER B 289 31.64 -4.63 -13.91
CA SER B 289 31.02 -5.36 -12.82
C SER B 289 30.31 -4.40 -11.87
N GLU B 290 29.29 -4.91 -11.19
CA GLU B 290 28.50 -4.17 -10.23
C GLU B 290 28.74 -4.70 -8.82
N TYR B 291 28.35 -3.91 -7.83
CA TYR B 291 28.39 -4.37 -6.45
C TYR B 291 27.29 -3.68 -5.67
N ARG B 292 26.83 -4.31 -4.60
CA ARG B 292 25.79 -3.74 -3.77
C ARG B 292 26.22 -3.68 -2.31
N THR B 293 25.69 -2.67 -1.62
CA THR B 293 25.81 -2.55 -0.16
C THR B 293 24.48 -2.98 0.43
N LEU B 294 24.51 -4.00 1.29
CA LEU B 294 23.31 -4.60 1.83
C LEU B 294 23.02 -4.06 3.22
N LEU B 295 21.78 -3.64 3.45
CA LEU B 295 21.32 -3.13 4.73
C LEU B 295 20.19 -4.01 5.23
N LYS B 296 20.40 -4.62 6.40
CA LYS B 296 19.35 -5.34 7.11
C LYS B 296 18.82 -4.41 8.20
N ALA B 297 17.56 -4.02 8.07
CA ALA B 297 17.00 -2.94 8.87
C ALA B 297 15.93 -3.47 9.81
N PHE B 298 16.08 -3.15 11.10
CA PHE B 298 15.04 -3.32 12.11
C PHE B 298 14.44 -1.93 12.34
N GLY B 299 13.17 -1.76 11.96
CA GLY B 299 12.52 -0.47 12.03
C GLY B 299 11.15 -0.55 12.66
N ILE B 300 10.58 0.64 12.90
CA ILE B 300 9.23 0.76 13.44
C ILE B 300 8.32 1.26 12.33
N ARG B 301 7.63 0.34 11.66
CA ARG B 301 6.79 0.67 10.52
C ARG B 301 5.47 1.25 11.03
N PHE B 302 5.28 2.54 10.83
CA PHE B 302 4.04 3.21 11.20
C PHE B 302 2.98 2.95 10.14
N ASP B 303 1.80 2.56 10.62
CA ASP B 303 0.62 2.32 9.79
C ASP B 303 -0.46 3.29 10.19
N VAL B 304 -1.08 3.94 9.21
CA VAL B 304 -2.14 4.92 9.45
C VAL B 304 -3.44 4.37 8.89
N LEU B 305 -4.46 4.30 9.75
CA LEU B 305 -5.78 3.81 9.37
C LEU B 305 -6.83 4.87 9.68
N VAL B 306 -7.78 5.04 8.76
CA VAL B 306 -8.84 6.02 8.89
C VAL B 306 -10.18 5.30 8.90
N TYR B 307 -10.98 5.57 9.92
CA TYR B 307 -12.31 4.97 10.03
C TYR B 307 -13.24 5.98 10.71
N GLY B 308 -14.53 5.82 10.46
CA GLY B 308 -15.51 6.69 11.06
C GLY B 308 -16.83 6.61 10.33
N ASN B 309 -17.79 7.38 10.84
CA ASN B 309 -19.13 7.42 10.26
C ASN B 309 -19.79 8.74 10.64
N ALA B 310 -20.83 9.09 9.89
CA ALA B 310 -21.60 10.30 10.13
C ALA B 310 -23.08 9.98 10.14
N GLY B 311 -23.83 10.75 10.90
CA GLY B 311 -25.27 10.56 11.02
C GLY B 311 -26.03 11.80 10.59
N LYS B 312 -27.20 11.59 9.98
CA LYS B 312 -28.04 12.68 9.53
C LYS B 312 -29.50 12.36 9.87
N PHE B 313 -30.28 13.44 10.03
CA PHE B 313 -31.68 13.28 10.44
C PHE B 313 -32.51 12.66 9.32
N ASN B 314 -32.38 13.19 8.10
CA ASN B 314 -33.04 12.67 6.91
C ASN B 314 -34.55 12.53 7.11
N ILE B 315 -35.18 11.67 6.31
CA ILE B 315 -36.63 11.51 6.35
C ILE B 315 -37.01 10.05 6.58
N ILE B 316 -36.35 9.14 5.87
CA ILE B 316 -36.79 7.74 5.84
C ILE B 316 -36.79 7.08 7.21
N PRO B 317 -35.69 7.13 7.99
CA PRO B 317 -35.66 6.34 9.24
C PRO B 317 -36.67 6.79 10.28
N THR B 318 -37.19 8.01 10.21
CA THR B 318 -38.11 8.48 11.23
C THR B 318 -39.39 7.64 11.27
N ILE B 319 -40.04 7.47 10.12
CA ILE B 319 -41.25 6.64 10.06
C ILE B 319 -40.95 5.17 10.32
N ILE B 320 -39.77 4.68 9.94
CA ILE B 320 -39.41 3.30 10.24
C ILE B 320 -39.31 3.08 11.74
N SER B 321 -38.66 4.00 12.45
CA SER B 321 -38.58 3.91 13.90
C SER B 321 -39.95 4.09 14.55
N SER B 322 -40.79 4.95 13.98
CA SER B 322 -42.15 5.10 14.51
C SER B 322 -42.93 3.80 14.37
N VAL B 323 -42.80 3.12 13.23
CA VAL B 323 -43.48 1.84 13.04
C VAL B 323 -42.93 0.80 14.01
N ALA B 324 -41.60 0.78 14.20
CA ALA B 324 -41.00 -0.15 15.13
C ALA B 324 -41.52 0.06 16.55
N ALA B 325 -41.67 1.33 16.95
CA ALA B 325 -42.28 1.63 18.24
C ALA B 325 -43.74 1.21 18.28
N PHE B 326 -44.45 1.35 17.16
CA PHE B 326 -45.84 0.91 17.10
C PHE B 326 -45.96 -0.59 17.30
N THR B 327 -44.98 -1.36 16.83
CA THR B 327 -45.00 -2.81 17.04
C THR B 327 -44.96 -3.16 18.52
N SER B 328 -44.15 -2.42 19.29
CA SER B 328 -44.06 -2.64 20.73
C SER B 328 -45.33 -2.18 21.44
N ILE C 23 -57.99 5.27 9.99
CA ILE C 23 -58.91 4.59 9.09
C ILE C 23 -58.16 3.56 8.26
N ASN C 24 -58.79 2.39 8.09
CA ASN C 24 -58.15 1.32 7.32
C ASN C 24 -58.17 1.59 5.82
N ARG C 25 -58.99 2.54 5.36
CA ARG C 25 -59.05 2.83 3.92
C ARG C 25 -57.72 3.33 3.40
N ALA C 26 -57.09 4.27 4.12
CA ALA C 26 -55.78 4.75 3.73
C ALA C 26 -54.68 3.75 4.09
N VAL C 27 -54.90 2.95 5.14
CA VAL C 27 -53.91 1.96 5.54
C VAL C 27 -53.75 0.90 4.45
N GLN C 28 -54.86 0.50 3.82
CA GLN C 28 -54.78 -0.49 2.76
C GLN C 28 -53.91 0.00 1.61
N LEU C 29 -54.03 1.27 1.24
CA LEU C 29 -53.21 1.82 0.17
C LEU C 29 -51.75 1.95 0.63
N LEU C 30 -51.53 2.48 1.83
CA LEU C 30 -50.17 2.72 2.31
C LEU C 30 -49.41 1.44 2.59
N ILE C 31 -50.11 0.31 2.76
CA ILE C 31 -49.42 -0.96 2.96
C ILE C 31 -48.59 -1.32 1.74
N ILE C 32 -49.15 -1.14 0.54
CA ILE C 32 -48.44 -1.45 -0.69
C ILE C 32 -47.75 -0.23 -1.29
N SER C 33 -48.08 0.98 -0.84
CA SER C 33 -47.40 2.17 -1.36
C SER C 33 -45.95 2.24 -0.94
N TYR C 34 -45.57 1.56 0.14
CA TYR C 34 -44.19 1.56 0.62
C TYR C 34 -43.42 0.32 0.24
N PHE C 35 -44.08 -0.85 0.21
CA PHE C 35 -43.39 -2.10 -0.10
C PHE C 35 -43.23 -2.27 -1.61
N VAL C 36 -44.34 -2.30 -2.34
CA VAL C 36 -44.28 -2.50 -3.78
C VAL C 36 -43.66 -1.30 -4.47
N GLY C 37 -44.01 -0.09 -4.02
CA GLY C 37 -43.51 1.11 -4.66
C GLY C 37 -42.01 1.31 -4.49
N TRP C 38 -41.49 1.07 -3.28
CA TRP C 38 -40.10 1.33 -2.97
C TRP C 38 -39.32 0.07 -2.63
N VAL C 39 -39.81 -0.73 -1.67
CA VAL C 39 -39.04 -1.88 -1.21
C VAL C 39 -38.89 -2.92 -2.31
N PHE C 40 -39.97 -3.20 -3.04
CA PHE C 40 -39.95 -4.25 -4.05
C PHE C 40 -39.37 -3.77 -5.38
N LEU C 41 -40.01 -2.76 -5.99
CA LEU C 41 -39.61 -2.35 -7.33
C LEU C 41 -38.31 -1.56 -7.32
N HIS C 42 -38.14 -0.66 -6.35
CA HIS C 42 -36.99 0.23 -6.33
C HIS C 42 -35.83 -0.31 -5.51
N GLU C 43 -36.11 -0.86 -4.34
CA GLU C 43 -35.06 -1.33 -3.44
C GLU C 43 -34.59 -2.74 -3.74
N LYS C 44 -35.24 -3.45 -4.67
CA LYS C 44 -34.88 -4.82 -5.02
C LYS C 44 -34.95 -5.72 -3.79
N ALA C 45 -36.19 -5.90 -3.32
CA ALA C 45 -36.47 -6.48 -2.00
C ALA C 45 -35.64 -7.71 -1.66
N TYR C 46 -35.26 -8.52 -2.64
CA TYR C 46 -34.41 -9.67 -2.34
C TYR C 46 -33.07 -9.21 -1.78
N GLN C 47 -32.29 -8.47 -2.57
CA GLN C 47 -31.10 -7.77 -2.11
C GLN C 47 -30.15 -8.69 -1.32
N VAL C 48 -29.64 -9.69 -2.03
CA VAL C 48 -28.61 -10.56 -1.48
C VAL C 48 -27.27 -9.94 -1.85
N ARG C 49 -26.61 -9.33 -0.87
CA ARG C 49 -25.42 -8.53 -1.13
C ARG C 49 -24.14 -9.35 -0.90
N ASP C 50 -23.04 -8.80 -1.42
CA ASP C 50 -21.70 -9.37 -1.19
C ASP C 50 -20.73 -8.19 -1.15
N THR C 51 -20.47 -7.70 0.07
CA THR C 51 -19.54 -6.59 0.23
C THR C 51 -18.11 -7.03 -0.03
N ALA C 52 -17.75 -8.25 0.37
CA ALA C 52 -16.39 -8.75 0.22
C ALA C 52 -16.09 -9.08 -1.24
N ILE C 53 -15.74 -8.06 -2.02
CA ILE C 53 -15.36 -8.21 -3.42
C ILE C 53 -13.84 -8.15 -3.49
N GLU C 54 -13.21 -9.16 -4.08
CA GLU C 54 -11.76 -9.19 -4.18
C GLU C 54 -11.33 -8.54 -5.48
N SER C 55 -10.45 -7.55 -5.39
CA SER C 55 -10.10 -6.70 -6.51
C SER C 55 -8.60 -6.69 -6.75
N SER C 56 -8.23 -6.50 -8.01
CA SER C 56 -6.83 -6.36 -8.41
C SER C 56 -6.74 -5.23 -9.43
N VAL C 57 -5.86 -4.27 -9.16
CA VAL C 57 -5.67 -3.09 -10.01
C VAL C 57 -4.21 -3.03 -10.41
N VAL C 58 -3.95 -2.93 -11.72
CA VAL C 58 -2.61 -2.77 -12.26
C VAL C 58 -2.59 -1.47 -13.05
N THR C 59 -1.69 -0.57 -12.69
CA THR C 59 -1.59 0.74 -13.30
C THR C 59 -0.25 0.89 -14.00
N LYS C 60 -0.28 1.41 -15.23
CA LYS C 60 0.92 1.61 -16.03
C LYS C 60 0.87 3.00 -16.65
N VAL C 61 1.85 3.83 -16.33
CA VAL C 61 1.93 5.18 -16.86
C VAL C 61 2.79 5.16 -18.12
N LYS C 62 2.34 5.86 -19.17
CA LYS C 62 3.11 5.94 -20.40
C LYS C 62 3.15 7.38 -20.91
N GLY C 63 4.31 7.76 -21.43
CA GLY C 63 4.56 9.09 -21.94
C GLY C 63 5.98 9.52 -21.63
N PHE C 64 6.40 10.59 -22.31
CA PHE C 64 7.75 11.12 -22.17
C PHE C 64 7.68 12.61 -21.90
N GLY C 65 8.49 13.08 -20.94
CA GLY C 65 8.44 14.46 -20.52
C GLY C 65 9.80 15.13 -20.62
N ARG C 66 9.76 16.46 -20.69
CA ARG C 66 10.96 17.28 -20.75
C ARG C 66 11.09 18.07 -19.45
N TYR C 67 12.27 18.00 -18.83
CA TYR C 67 12.55 18.74 -17.62
C TYR C 67 13.95 19.32 -17.71
N ALA C 68 14.09 20.59 -17.30
CA ALA C 68 15.35 21.32 -17.40
C ALA C 68 15.88 21.31 -18.84
N ASN C 69 16.79 20.39 -19.15
CA ASN C 69 17.30 20.25 -20.50
C ASN C 69 17.34 18.81 -20.97
N ARG C 70 16.72 17.88 -20.24
CA ARG C 70 16.74 16.46 -20.57
C ARG C 70 15.31 15.93 -20.64
N VAL C 71 15.19 14.66 -21.03
CA VAL C 71 13.91 14.01 -21.22
C VAL C 71 13.87 12.75 -20.35
N MET C 72 12.73 12.54 -19.70
CA MET C 72 12.52 11.42 -18.80
C MET C 72 11.32 10.60 -19.25
N ASP C 73 11.33 9.34 -18.84
CA ASP C 73 10.31 8.34 -19.21
C ASP C 73 9.66 7.75 -17.95
N VAL C 74 8.87 6.69 -18.15
CA VAL C 74 8.03 6.15 -17.10
C VAL C 74 8.85 5.77 -15.86
N SER C 75 10.04 5.23 -16.07
CA SER C 75 10.88 4.84 -14.95
C SER C 75 11.53 6.03 -14.24
N ASP C 76 11.11 7.26 -14.48
CA ASP C 76 11.74 8.42 -13.86
C ASP C 76 10.78 9.24 -13.00
N TYR C 77 9.63 9.66 -13.53
CA TYR C 77 8.70 10.45 -12.74
C TYR C 77 7.72 9.59 -11.93
N VAL C 78 7.64 8.29 -12.20
CA VAL C 78 6.81 7.39 -11.43
C VAL C 78 7.70 6.79 -10.34
N THR C 79 7.65 7.37 -9.14
CA THR C 79 8.52 6.92 -8.06
C THR C 79 8.30 5.47 -7.66
N PRO C 80 7.07 5.00 -7.41
CA PRO C 80 6.88 3.58 -7.11
C PRO C 80 6.74 2.78 -8.39
N PRO C 81 7.69 1.90 -8.69
CA PRO C 81 7.62 1.11 -9.93
C PRO C 81 6.66 -0.07 -9.85
N GLN C 82 5.99 -0.28 -8.71
CA GLN C 82 5.10 -1.43 -8.57
C GLN C 82 3.91 -1.33 -9.51
N GLY C 83 3.47 -0.11 -9.83
CA GLY C 83 2.27 0.05 -10.62
C GLY C 83 1.01 -0.40 -9.93
N THR C 84 0.94 -0.26 -8.61
CA THR C 84 -0.22 -0.68 -7.84
C THR C 84 -1.28 0.42 -7.88
N SER C 85 -2.29 0.30 -7.02
CA SER C 85 -3.35 1.29 -6.96
C SER C 85 -2.87 2.66 -6.50
N VAL C 86 -1.69 2.72 -5.88
CA VAL C 86 -1.11 3.97 -5.40
C VAL C 86 0.15 4.24 -6.20
N PHE C 87 0.18 5.35 -6.94
CA PHE C 87 1.38 5.67 -7.69
C PHE C 87 1.48 7.17 -7.93
N VAL C 88 2.69 7.72 -7.74
CA VAL C 88 2.92 9.15 -7.83
C VAL C 88 3.41 9.50 -9.23
N ILE C 89 2.82 10.52 -9.83
CA ILE C 89 3.29 11.09 -11.09
C ILE C 89 3.95 12.42 -10.76
N ILE C 90 5.28 12.44 -10.79
CA ILE C 90 6.03 13.62 -10.37
C ILE C 90 5.88 14.71 -11.43
N THR C 91 5.55 15.92 -10.99
CA THR C 91 5.40 17.07 -11.87
C THR C 91 6.45 18.15 -11.67
N LYS C 92 6.95 18.32 -10.46
CA LYS C 92 7.96 19.32 -10.17
C LYS C 92 9.09 18.71 -9.35
N MET C 93 10.32 19.04 -9.70
CA MET C 93 11.50 18.53 -9.03
C MET C 93 12.37 19.68 -8.52
N ILE C 94 12.98 19.47 -7.37
CA ILE C 94 14.08 20.30 -6.88
C ILE C 94 15.26 19.37 -6.65
N VAL C 95 16.34 19.57 -7.40
CA VAL C 95 17.45 18.64 -7.46
C VAL C 95 18.68 19.28 -6.83
N THR C 96 19.33 18.54 -5.93
CA THR C 96 20.61 18.92 -5.36
C THR C 96 21.61 17.80 -5.63
N GLU C 97 22.66 18.10 -6.38
CA GLU C 97 23.62 17.11 -6.83
C GLU C 97 24.91 17.17 -6.02
N ASN C 98 25.58 16.03 -5.93
CA ASN C 98 26.89 15.89 -5.29
C ASN C 98 26.83 16.36 -3.83
N GLN C 99 26.03 15.63 -3.05
CA GLN C 99 25.87 15.89 -1.62
C GLN C 99 26.83 14.98 -0.86
N MET C 100 27.96 15.54 -0.43
CA MET C 100 28.94 14.83 0.36
C MET C 100 28.85 15.27 1.81
N GLN C 101 29.27 14.38 2.71
CA GLN C 101 29.11 14.59 4.14
C GLN C 101 30.30 15.35 4.72
N GLY C 102 30.03 16.16 5.73
CA GLY C 102 31.06 16.93 6.39
C GLY C 102 30.43 18.06 7.20
N PHE C 103 31.28 18.98 7.61
CA PHE C 103 30.85 20.17 8.34
C PHE C 103 30.58 21.28 7.32
N CYS C 104 29.32 21.67 7.22
CA CYS C 104 28.87 22.62 6.20
C CYS C 104 27.89 23.61 6.81
N PRO C 105 27.84 24.84 6.28
CA PRO C 105 26.79 25.78 6.70
C PRO C 105 25.50 25.55 5.93
N GLU C 106 24.51 26.41 6.14
CA GLU C 106 23.21 26.29 5.49
C GLU C 106 22.81 27.65 4.92
N SER C 107 21.89 27.60 3.95
CA SER C 107 21.41 28.79 3.27
C SER C 107 20.08 29.29 3.83
N GLU C 108 19.60 28.71 4.93
CA GLU C 108 18.35 29.13 5.53
C GLU C 108 18.53 30.47 6.22
N GLU C 109 17.91 31.52 5.68
CA GLU C 109 18.00 32.84 6.25
C GLU C 109 17.25 32.98 7.57
N LYS C 110 16.39 32.01 7.91
CA LYS C 110 15.66 32.04 9.16
C LYS C 110 16.48 31.62 10.36
N TYR C 111 17.78 31.40 10.19
CA TYR C 111 18.62 30.92 11.28
C TYR C 111 19.84 31.82 11.44
N ARG C 112 19.62 33.13 11.45
CA ARG C 112 20.69 34.11 11.55
C ARG C 112 21.27 34.09 12.96
N CYS C 113 22.59 34.02 13.06
CA CYS C 113 23.30 34.10 14.33
C CYS C 113 24.47 35.06 14.22
N VAL C 114 24.79 35.72 15.33
CA VAL C 114 25.98 36.55 15.42
C VAL C 114 26.96 36.06 16.49
N SER C 115 26.59 35.04 17.26
CA SER C 115 27.47 34.48 18.28
C SER C 115 27.11 33.02 18.47
N ASP C 116 28.04 32.29 19.10
CA ASP C 116 27.80 30.86 19.36
C ASP C 116 26.74 30.63 20.43
N SER C 117 26.47 31.63 21.27
CA SER C 117 25.53 31.44 22.36
C SER C 117 24.14 31.04 21.84
N GLN C 118 23.70 31.67 20.76
CA GLN C 118 22.46 31.27 20.11
C GLN C 118 22.71 30.24 19.01
N CYS C 119 23.47 29.21 19.35
CA CYS C 119 23.76 28.13 18.41
C CYS C 119 23.68 26.75 19.05
N GLY C 120 23.39 26.65 20.36
CA GLY C 120 23.23 25.37 20.99
C GLY C 120 21.93 24.70 20.58
N PRO C 121 21.71 23.48 21.09
CA PRO C 121 20.50 22.75 20.70
C PRO C 121 19.26 23.26 21.41
N GLN C 122 18.49 24.08 20.72
CA GLN C 122 17.17 24.48 21.19
C GLN C 122 16.17 24.67 20.05
N ARG C 123 16.55 24.40 18.80
CA ARG C 123 15.76 24.77 17.64
C ARG C 123 15.50 23.56 16.75
N PHE C 124 14.98 23.79 15.54
CA PHE C 124 14.60 22.73 14.62
C PHE C 124 15.37 22.91 13.31
N PRO C 125 16.64 22.51 13.27
CA PRO C 125 17.45 22.72 12.07
C PRO C 125 16.94 21.89 10.89
N GLY C 126 17.21 22.40 9.69
CA GLY C 126 16.82 21.72 8.48
C GLY C 126 17.98 21.10 7.74
N GLY C 127 19.21 21.40 8.19
CA GLY C 127 20.40 20.86 7.57
C GLY C 127 20.99 19.70 8.32
N GLY C 128 21.11 19.84 9.64
CA GLY C 128 21.69 18.79 10.45
C GLY C 128 21.82 19.26 11.89
N ILE C 129 22.43 18.39 12.70
CA ILE C 129 22.61 18.71 14.12
C ILE C 129 23.60 19.85 14.26
N LEU C 130 23.20 20.89 14.98
CA LEU C 130 24.07 22.04 15.20
C LEU C 130 25.20 21.68 16.16
N THR C 131 26.39 22.19 15.86
CA THR C 131 27.58 21.96 16.69
C THR C 131 27.92 23.17 17.54
N GLY C 132 27.01 24.13 17.66
CA GLY C 132 27.27 25.33 18.43
C GLY C 132 28.33 26.23 17.83
N ARG C 133 28.32 26.40 16.51
CA ARG C 133 29.32 27.21 15.82
C ARG C 133 28.63 28.00 14.72
N CYS C 134 28.74 29.33 14.78
CA CYS C 134 28.16 30.21 13.77
C CYS C 134 29.27 30.65 12.83
N VAL C 135 29.21 30.18 11.58
CA VAL C 135 30.24 30.44 10.59
C VAL C 135 29.60 31.15 9.40
N ASN C 136 30.42 31.91 8.68
CA ASN C 136 29.97 32.60 7.47
C ASN C 136 29.56 31.59 6.40
N TYR C 137 28.56 31.96 5.60
CA TYR C 137 28.07 31.08 4.55
C TYR C 137 28.77 31.34 3.22
N SER C 138 28.59 32.54 2.66
CA SER C 138 29.26 32.90 1.41
C SER C 138 30.23 34.06 1.59
N SER C 139 29.75 35.25 1.96
CA SER C 139 30.64 36.38 2.19
C SER C 139 30.34 37.09 3.49
N THR C 140 29.06 37.29 3.80
CA THR C 140 28.65 38.02 5.00
C THR C 140 27.54 37.31 5.77
N LEU C 141 26.95 36.26 5.22
CA LEU C 141 25.81 35.59 5.85
C LEU C 141 26.35 34.55 6.82
N ARG C 142 26.06 34.73 8.11
CA ARG C 142 26.55 33.85 9.16
C ARG C 142 25.39 32.97 9.64
N THR C 143 25.60 31.66 9.62
CA THR C 143 24.60 30.70 10.08
C THR C 143 25.29 29.62 10.90
N CYS C 144 24.50 28.89 11.68
CA CYS C 144 25.05 27.83 12.52
C CYS C 144 25.62 26.71 11.66
N GLU C 145 26.80 26.24 12.04
CA GLU C 145 27.48 25.18 11.30
C GLU C 145 26.81 23.84 11.61
N ILE C 146 26.45 23.10 10.56
CA ILE C 146 25.78 21.82 10.72
C ILE C 146 26.70 20.71 10.23
N GLN C 147 26.40 19.49 10.66
CA GLN C 147 27.13 18.30 10.26
C GLN C 147 26.19 17.42 9.44
N GLY C 148 26.60 17.08 8.23
CA GLY C 148 25.76 16.28 7.35
C GLY C 148 26.11 16.55 5.89
N TRP C 149 25.11 16.40 5.04
CA TRP C 149 25.29 16.66 3.62
C TRP C 149 25.55 18.15 3.40
N CYS C 150 26.60 18.45 2.62
CA CYS C 150 27.10 19.82 2.56
C CYS C 150 26.17 20.73 1.76
N PRO C 151 25.84 20.44 0.49
CA PRO C 151 24.95 21.36 -0.23
C PRO C 151 23.52 21.25 0.26
N THR C 152 23.09 22.25 1.04
CA THR C 152 21.73 22.24 1.56
C THR C 152 20.73 22.58 0.47
N GLU C 153 19.60 21.88 0.46
CA GLU C 153 18.59 22.09 -0.55
C GLU C 153 17.95 23.47 -0.39
N VAL C 154 17.55 24.05 -1.52
CA VAL C 154 16.91 25.37 -1.55
C VAL C 154 15.50 25.16 -2.11
N ASP C 155 14.51 25.17 -1.22
CA ASP C 155 13.11 24.99 -1.60
C ASP C 155 12.38 26.32 -1.74
N THR C 156 13.10 27.40 -2.07
CA THR C 156 12.51 28.72 -2.22
C THR C 156 12.67 29.25 -3.65
N VAL C 157 12.92 28.37 -4.61
CA VAL C 157 13.08 28.75 -6.01
C VAL C 157 11.98 28.07 -6.82
N GLU C 158 11.19 28.86 -7.55
CA GLU C 158 10.11 28.33 -8.37
C GLU C 158 10.72 27.67 -9.60
N MET C 159 10.88 26.36 -9.54
CA MET C 159 11.42 25.62 -10.67
C MET C 159 10.33 25.44 -11.73
N PRO C 160 10.70 25.38 -13.01
CA PRO C 160 9.69 25.23 -14.06
C PRO C 160 8.91 23.93 -13.89
N VAL C 161 7.60 24.03 -14.06
CA VAL C 161 6.72 22.88 -13.93
C VAL C 161 6.76 22.08 -15.22
N MET C 162 6.64 20.75 -15.09
CA MET C 162 6.58 19.87 -16.24
C MET C 162 5.23 20.04 -16.92
N MET C 163 5.14 21.10 -17.73
CA MET C 163 3.88 21.43 -18.39
C MET C 163 3.44 20.35 -19.38
N GLU C 164 4.34 19.45 -19.76
CA GLU C 164 3.97 18.30 -20.58
C GLU C 164 3.20 17.24 -19.80
N ALA C 165 2.79 17.52 -18.57
CA ALA C 165 2.12 16.52 -17.75
C ALA C 165 0.62 16.48 -17.94
N GLU C 166 0.07 17.32 -18.83
CA GLU C 166 -1.29 17.07 -19.31
C GLU C 166 -1.37 15.71 -20.01
N ASN C 167 -0.29 15.29 -20.65
CA ASN C 167 -0.16 13.98 -21.27
C ASN C 167 0.42 12.93 -20.32
N PHE C 168 1.05 11.88 -20.87
CA PHE C 168 1.33 10.60 -20.18
C PHE C 168 0.07 9.85 -19.76
N THR C 169 -0.59 9.21 -20.73
CA THR C 169 -1.75 8.36 -20.45
C THR C 169 -1.48 7.35 -19.34
N ILE C 170 -2.57 6.84 -18.76
CA ILE C 170 -2.52 5.85 -17.69
C ILE C 170 -3.40 4.68 -18.11
N PHE C 171 -2.85 3.48 -18.02
CA PHE C 171 -3.58 2.25 -18.32
C PHE C 171 -3.92 1.56 -17.00
N ILE C 172 -5.21 1.31 -16.79
CA ILE C 172 -5.71 0.71 -15.56
C ILE C 172 -6.39 -0.61 -15.91
N LYS C 173 -5.85 -1.71 -15.41
CA LYS C 173 -6.45 -3.04 -15.59
C LYS C 173 -7.04 -3.45 -14.24
N ASN C 174 -8.36 -3.60 -14.20
CA ASN C 174 -9.07 -3.94 -12.97
C ASN C 174 -9.80 -5.26 -13.15
N SER C 175 -9.62 -6.17 -12.20
CA SER C 175 -10.28 -7.47 -12.20
C SER C 175 -10.86 -7.75 -10.83
N ILE C 176 -12.14 -8.13 -10.79
CA ILE C 176 -12.82 -8.34 -9.52
C ILE C 176 -13.53 -9.68 -9.53
N ARG C 177 -13.70 -10.23 -8.32
CA ARG C 177 -14.41 -11.48 -8.10
C ARG C 177 -15.32 -11.35 -6.90
N PHE C 178 -16.55 -11.85 -7.07
CA PHE C 178 -17.49 -12.06 -5.98
C PHE C 178 -17.41 -13.53 -5.59
N PRO C 179 -16.90 -13.86 -4.40
CA PRO C 179 -16.69 -15.27 -4.04
C PRO C 179 -17.98 -16.02 -3.71
N LEU C 180 -18.89 -15.37 -2.99
CA LEU C 180 -20.15 -16.03 -2.64
C LEU C 180 -20.98 -16.32 -3.87
N PHE C 181 -21.01 -15.40 -4.82
CA PHE C 181 -21.73 -15.59 -6.07
C PHE C 181 -20.87 -16.26 -7.14
N ASN C 182 -19.59 -16.50 -6.88
CA ASN C 182 -18.62 -17.07 -7.80
C ASN C 182 -18.35 -16.12 -8.96
N PHE C 183 -19.02 -14.96 -9.02
CA PHE C 183 -18.97 -14.10 -10.18
C PHE C 183 -17.56 -13.55 -10.39
N GLU C 184 -17.25 -13.23 -11.65
CA GLU C 184 -15.92 -12.79 -12.01
C GLU C 184 -16.01 -11.86 -13.21
N LYS C 185 -15.34 -10.72 -13.14
CA LYS C 185 -15.40 -9.78 -14.25
C LYS C 185 -14.22 -8.82 -14.22
N GLY C 186 -13.72 -8.48 -15.40
CA GLY C 186 -12.66 -7.49 -15.52
C GLY C 186 -13.09 -6.36 -16.45
N ASN C 187 -12.49 -5.18 -16.24
CA ASN C 187 -12.82 -4.03 -17.07
C ASN C 187 -12.19 -4.10 -18.45
N LEU C 188 -11.33 -5.09 -18.72
CA LEU C 188 -10.77 -5.30 -20.05
C LEU C 188 -11.60 -6.37 -20.76
N LEU C 189 -12.70 -5.93 -21.34
CA LEU C 189 -13.62 -6.84 -22.00
C LEU C 189 -13.03 -7.35 -23.31
N PRO C 190 -13.43 -8.56 -23.75
CA PRO C 190 -12.85 -9.12 -24.97
C PRO C 190 -13.16 -8.33 -26.23
N ASN C 191 -14.16 -7.45 -26.22
CA ASN C 191 -14.51 -6.66 -27.39
C ASN C 191 -13.47 -5.63 -27.78
N LEU C 192 -12.47 -5.39 -26.93
CA LEU C 192 -11.43 -4.40 -27.18
C LEU C 192 -10.16 -5.11 -27.64
N THR C 193 -9.59 -4.64 -28.75
CA THR C 193 -8.38 -5.21 -29.33
C THR C 193 -7.23 -4.20 -29.23
N ALA C 194 -6.06 -4.63 -29.68
CA ALA C 194 -4.89 -3.77 -29.64
C ALA C 194 -5.02 -2.58 -30.58
N ALA C 195 -5.67 -2.79 -31.74
CA ALA C 195 -5.85 -1.69 -32.69
C ALA C 195 -6.67 -0.55 -32.07
N ASP C 196 -7.71 -0.89 -31.32
CA ASP C 196 -8.48 0.13 -30.63
C ASP C 196 -7.66 0.81 -29.54
N MET C 197 -6.94 0.03 -28.74
CA MET C 197 -6.16 0.59 -27.64
C MET C 197 -4.98 1.42 -28.11
N LYS C 198 -4.57 1.28 -29.38
CA LYS C 198 -3.43 2.03 -29.87
C LYS C 198 -3.69 3.54 -29.80
N THR C 199 -4.89 3.97 -30.19
CA THR C 199 -5.25 5.37 -30.24
C THR C 199 -6.58 5.61 -29.51
N CYS C 200 -6.69 5.08 -28.31
CA CYS C 200 -7.91 5.19 -27.52
C CYS C 200 -7.71 6.14 -26.35
N ARG C 201 -8.70 7.00 -26.13
CA ARG C 201 -8.75 7.91 -25.00
C ARG C 201 -9.89 7.48 -24.08
N PHE C 202 -10.14 8.27 -23.04
CA PHE C 202 -11.24 8.04 -22.12
C PHE C 202 -12.19 9.22 -22.14
N HIS C 203 -13.47 8.95 -22.41
CA HIS C 203 -14.49 10.00 -22.39
C HIS C 203 -15.84 9.34 -22.13
N PRO C 204 -16.49 9.65 -21.00
CA PRO C 204 -17.70 8.91 -20.63
C PRO C 204 -18.96 9.37 -21.34
N ASP C 205 -18.88 9.56 -22.66
CA ASP C 205 -20.08 9.78 -23.46
C ASP C 205 -20.01 8.93 -24.73
N LYS C 206 -18.80 8.70 -25.23
CA LYS C 206 -18.58 7.88 -26.41
C LYS C 206 -17.72 6.65 -26.14
N ALA C 207 -16.82 6.71 -25.17
CA ALA C 207 -16.05 5.53 -24.75
C ALA C 207 -16.01 5.45 -23.22
N PRO C 208 -17.13 5.14 -22.58
CA PRO C 208 -17.09 4.85 -21.13
C PRO C 208 -16.20 3.68 -20.78
N PHE C 209 -15.95 2.76 -21.71
CA PHE C 209 -15.36 1.46 -21.39
C PHE C 209 -13.86 1.38 -21.64
N CYS C 210 -13.27 2.35 -22.32
CA CYS C 210 -11.85 2.30 -22.66
C CYS C 210 -11.03 2.60 -21.41
N PRO C 211 -10.17 1.67 -20.96
CA PRO C 211 -9.36 1.89 -19.75
C PRO C 211 -8.03 2.57 -20.04
N ILE C 212 -8.07 3.64 -20.81
CA ILE C 212 -6.88 4.46 -21.10
C ILE C 212 -7.23 5.88 -20.72
N LEU C 213 -6.89 6.27 -19.50
CA LEU C 213 -7.19 7.61 -19.01
C LEU C 213 -6.09 8.58 -19.40
N ARG C 214 -6.44 9.86 -19.44
CA ARG C 214 -5.50 10.94 -19.70
C ARG C 214 -5.40 11.82 -18.47
N VAL C 215 -4.17 12.15 -18.08
CA VAL C 215 -3.95 12.93 -16.87
C VAL C 215 -4.66 14.28 -16.96
N GLY C 216 -4.54 14.94 -18.11
CA GLY C 216 -5.26 16.19 -18.31
C GLY C 216 -6.76 16.00 -18.24
N ASP C 217 -7.26 14.92 -18.85
CA ASP C 217 -8.68 14.61 -18.73
C ASP C 217 -9.06 14.32 -17.29
N VAL C 218 -8.18 13.65 -16.54
CA VAL C 218 -8.48 13.32 -15.16
C VAL C 218 -8.61 14.59 -14.31
N VAL C 219 -7.66 15.51 -14.47
CA VAL C 219 -7.75 16.75 -13.69
C VAL C 219 -8.93 17.60 -14.15
N LYS C 220 -9.27 17.57 -15.44
CA LYS C 220 -10.45 18.31 -15.90
C LYS C 220 -11.72 17.75 -15.29
N PHE C 221 -11.86 16.42 -15.25
CA PHE C 221 -13.03 15.82 -14.61
C PHE C 221 -13.04 16.08 -13.11
N ALA C 222 -11.87 16.19 -12.49
CA ALA C 222 -11.82 16.54 -11.08
C ALA C 222 -12.39 17.95 -10.86
N GLY C 223 -12.01 18.90 -11.70
CA GLY C 223 -12.59 20.23 -11.65
C GLY C 223 -11.63 21.33 -11.25
N GLN C 224 -10.33 21.09 -11.38
CA GLN C 224 -9.33 22.09 -11.06
C GLN C 224 -8.38 22.24 -12.24
N ASP C 225 -7.80 23.43 -12.36
CA ASP C 225 -6.78 23.69 -13.36
C ASP C 225 -5.55 22.82 -13.08
N PHE C 226 -4.94 22.30 -14.15
CA PHE C 226 -3.80 21.40 -13.97
C PHE C 226 -2.55 22.14 -13.52
N ALA C 227 -2.40 23.41 -13.89
CA ALA C 227 -1.18 24.15 -13.57
C ALA C 227 -1.00 24.25 -12.06
N LYS C 228 -2.06 24.63 -11.34
CA LYS C 228 -1.96 24.78 -9.89
C LYS C 228 -1.66 23.44 -9.21
N LEU C 229 -2.35 22.38 -9.62
CA LEU C 229 -2.13 21.08 -9.01
C LEU C 229 -0.72 20.56 -9.28
N ALA C 230 -0.24 20.72 -10.52
CA ALA C 230 1.12 20.29 -10.84
C ALA C 230 2.16 21.15 -10.17
N ARG C 231 1.85 22.41 -9.84
CA ARG C 231 2.78 23.28 -9.15
C ARG C 231 2.77 23.09 -7.64
N THR C 232 1.69 22.55 -7.07
CA THR C 232 1.61 22.35 -5.63
C THR C 232 1.50 20.89 -5.20
N GLY C 233 0.97 20.01 -6.05
CA GLY C 233 0.85 18.61 -5.70
C GLY C 233 -0.45 18.26 -5.01
N GLY C 234 -0.84 17.00 -5.11
CA GLY C 234 -2.05 16.53 -4.48
C GLY C 234 -2.31 15.08 -4.82
N VAL C 235 -3.41 14.57 -4.28
CA VAL C 235 -3.87 13.20 -4.54
C VAL C 235 -5.24 13.26 -5.20
N LEU C 236 -5.39 12.50 -6.29
CA LEU C 236 -6.65 12.42 -7.02
C LEU C 236 -7.11 10.96 -7.00
N GLY C 237 -8.19 10.69 -6.27
CA GLY C 237 -8.73 9.36 -6.17
C GLY C 237 -9.64 9.03 -7.34
N ILE C 238 -9.40 7.87 -7.95
CA ILE C 238 -10.22 7.35 -9.03
C ILE C 238 -10.95 6.12 -8.51
N LYS C 239 -12.25 6.27 -8.27
CA LYS C 239 -13.08 5.20 -7.73
C LYS C 239 -13.80 4.51 -8.88
N ILE C 240 -13.73 3.18 -8.90
CA ILE C 240 -14.37 2.35 -9.91
C ILE C 240 -15.50 1.60 -9.22
N GLY C 241 -16.72 2.11 -9.36
CA GLY C 241 -17.88 1.49 -8.73
C GLY C 241 -18.54 0.51 -9.67
N TRP C 242 -18.85 -0.68 -9.13
CA TRP C 242 -19.48 -1.76 -9.89
C TRP C 242 -20.82 -2.09 -9.23
N VAL C 243 -21.86 -1.36 -9.62
CA VAL C 243 -23.22 -1.64 -9.16
C VAL C 243 -23.85 -2.56 -10.20
N CYS C 244 -23.64 -3.85 -10.04
CA CYS C 244 -24.08 -4.83 -11.03
C CYS C 244 -25.48 -5.34 -10.70
N ASP C 245 -26.04 -6.08 -11.67
CA ASP C 245 -27.40 -6.60 -11.59
C ASP C 245 -27.39 -8.08 -11.98
N LEU C 246 -26.52 -8.85 -11.28
CA LEU C 246 -26.27 -10.25 -11.61
C LEU C 246 -27.57 -11.04 -11.83
N ASP C 247 -28.66 -10.65 -11.17
CA ASP C 247 -29.94 -11.29 -11.43
C ASP C 247 -30.35 -11.15 -12.90
N ARG C 248 -30.02 -10.02 -13.51
CA ARG C 248 -30.26 -9.79 -14.93
C ARG C 248 -29.06 -10.32 -15.72
N ALA C 249 -28.95 -9.97 -16.99
CA ALA C 249 -27.83 -10.40 -17.81
C ALA C 249 -26.51 -9.85 -17.25
N TRP C 250 -25.45 -10.65 -17.38
CA TRP C 250 -24.17 -10.29 -16.79
C TRP C 250 -23.49 -9.11 -17.47
N ASP C 251 -23.92 -8.74 -18.68
CA ASP C 251 -23.30 -7.63 -19.38
C ASP C 251 -23.81 -6.28 -18.92
N GLN C 252 -24.84 -6.25 -18.06
CA GLN C 252 -25.38 -4.98 -17.57
C GLN C 252 -24.60 -4.41 -16.40
N CYS C 253 -23.67 -5.17 -15.83
CA CYS C 253 -22.80 -4.67 -14.77
C CYS C 253 -21.71 -3.83 -15.42
N ILE C 254 -21.85 -2.52 -15.35
CA ILE C 254 -20.99 -1.58 -16.06
C ILE C 254 -20.19 -0.78 -15.03
N PRO C 255 -18.86 -0.72 -15.14
CA PRO C 255 -18.07 0.09 -14.21
C PRO C 255 -18.35 1.57 -14.38
N LYS C 256 -18.30 2.29 -13.27
CA LYS C 256 -18.49 3.73 -13.24
C LYS C 256 -17.25 4.38 -12.63
N TYR C 257 -16.65 5.32 -13.37
CA TYR C 257 -15.44 6.00 -12.96
C TYR C 257 -15.77 7.34 -12.34
N SER C 258 -15.28 7.59 -11.13
CA SER C 258 -15.47 8.87 -10.45
C SER C 258 -14.12 9.38 -9.98
N PHE C 259 -13.75 10.57 -10.43
CA PHE C 259 -12.46 11.17 -10.11
C PHE C 259 -12.68 12.36 -9.18
N THR C 260 -12.04 12.32 -8.01
CA THR C 260 -12.23 13.37 -7.01
C THR C 260 -10.92 13.69 -6.32
N ARG C 261 -10.67 14.97 -6.09
CA ARG C 261 -9.53 15.36 -5.26
C ARG C 261 -9.78 14.96 -3.82
N LEU C 262 -8.70 14.57 -3.14
CA LEU C 262 -8.78 14.10 -1.77
C LEU C 262 -8.18 15.08 -0.76
N ASP C 263 -6.96 15.56 -1.01
CA ASP C 263 -6.34 16.53 -0.11
C ASP C 263 -6.92 17.94 -0.29
N GLY C 264 -7.53 18.22 -1.45
CA GLY C 264 -8.04 19.54 -1.73
C GLY C 264 -9.07 20.03 -0.74
N VAL C 265 -9.71 19.13 -0.02
CA VAL C 265 -10.66 19.51 1.03
C VAL C 265 -9.92 20.23 2.15
N SER C 266 -8.83 19.64 2.64
CA SER C 266 -8.00 20.27 3.65
C SER C 266 -6.92 21.16 3.05
N GLU C 267 -6.98 21.43 1.75
CA GLU C 267 -5.90 22.16 1.10
C GLU C 267 -6.17 23.67 1.14
N LYS C 268 -7.29 24.09 0.54
CA LYS C 268 -7.72 25.49 0.43
C LYS C 268 -6.55 26.45 0.27
N SER C 269 -6.28 27.25 1.32
CA SER C 269 -5.17 28.18 1.29
C SER C 269 -4.37 28.18 2.59
N SER C 270 -4.47 27.12 3.38
CA SER C 270 -3.78 27.04 4.66
C SER C 270 -2.33 26.61 4.44
N VAL C 271 -1.64 26.28 5.53
CA VAL C 271 -0.24 25.85 5.43
C VAL C 271 -0.17 24.47 4.80
N SER C 272 1.04 24.08 4.39
CA SER C 272 1.30 22.85 3.66
C SER C 272 0.43 22.82 2.41
N PRO C 273 0.74 23.64 1.40
CA PRO C 273 -0.19 23.83 0.29
C PRO C 273 -0.17 22.71 -0.75
N GLY C 274 0.42 21.57 -0.40
CA GLY C 274 0.42 20.46 -1.33
C GLY C 274 1.07 19.23 -0.73
N TYR C 275 1.15 18.18 -1.53
CA TYR C 275 1.78 16.93 -1.15
C TYR C 275 3.12 16.81 -1.86
N ASN C 276 4.20 16.83 -1.08
CA ASN C 276 5.54 16.71 -1.62
C ASN C 276 6.35 15.73 -0.77
N PHE C 277 7.31 15.08 -1.39
CA PHE C 277 8.16 14.12 -0.68
C PHE C 277 9.61 14.36 -1.07
N ARG C 278 10.51 13.62 -0.40
CA ARG C 278 11.94 13.73 -0.64
C ARG C 278 12.52 12.33 -0.80
N PHE C 279 13.38 12.15 -1.81
CA PHE C 279 14.11 10.91 -1.96
C PHE C 279 15.49 11.22 -2.52
N ALA C 280 16.28 10.18 -2.78
CA ALA C 280 17.65 10.40 -3.22
C ALA C 280 18.15 9.19 -3.98
N LYS C 281 19.19 9.42 -4.78
CA LYS C 281 19.90 8.36 -5.50
C LYS C 281 21.33 8.33 -5.01
N TYR C 282 21.80 7.15 -4.61
CA TYR C 282 23.09 6.98 -3.95
C TYR C 282 24.10 6.40 -4.93
N TYR C 283 25.27 7.05 -5.05
CA TYR C 283 26.36 6.60 -5.89
C TYR C 283 27.65 6.62 -5.08
N LYS C 284 28.70 6.04 -5.68
CA LYS C 284 29.99 5.89 -5.03
C LYS C 284 31.09 5.96 -6.09
N MET C 285 32.12 6.76 -5.84
CA MET C 285 33.24 6.86 -6.77
C MET C 285 34.07 5.58 -6.75
N GLU C 286 35.19 5.61 -7.48
CA GLU C 286 36.31 4.73 -7.22
C GLU C 286 37.03 5.25 -5.98
N ASN C 287 36.39 5.10 -4.82
CA ASN C 287 36.78 5.81 -3.61
C ASN C 287 36.36 4.98 -2.40
N GLY C 288 36.52 5.58 -1.23
CA GLY C 288 35.96 5.06 0.01
C GLY C 288 34.78 5.83 0.54
N SER C 289 34.22 6.75 -0.25
CA SER C 289 33.13 7.62 0.18
C SER C 289 31.96 7.54 -0.81
N GLU C 290 30.76 7.81 -0.29
CA GLU C 290 29.54 7.80 -1.06
C GLU C 290 28.98 9.21 -1.18
N TYR C 291 28.06 9.41 -2.12
CA TYR C 291 27.35 10.68 -2.23
C TYR C 291 25.96 10.40 -2.79
N ARG C 292 25.03 11.28 -2.49
CA ARG C 292 23.67 11.14 -2.97
C ARG C 292 23.22 12.41 -3.69
N THR C 293 22.34 12.21 -4.67
CA THR C 293 21.62 13.30 -5.33
C THR C 293 20.20 13.31 -4.78
N LEU C 294 19.81 14.44 -4.21
CA LEU C 294 18.54 14.56 -3.50
C LEU C 294 17.50 15.22 -4.40
N LEU C 295 16.32 14.60 -4.49
CA LEU C 295 15.20 15.11 -5.27
C LEU C 295 14.02 15.35 -4.34
N LYS C 296 13.57 16.61 -4.28
CA LYS C 296 12.35 16.98 -3.58
C LYS C 296 11.26 17.11 -4.64
N ALA C 297 10.27 16.23 -4.58
CA ALA C 297 9.30 16.06 -5.65
C ALA C 297 7.92 16.50 -5.20
N PHE C 298 7.31 17.40 -5.98
CA PHE C 298 5.89 17.72 -5.90
C PHE C 298 5.19 16.97 -7.03
N GLY C 299 4.34 16.01 -6.67
CA GLY C 299 3.71 15.15 -7.65
C GLY C 299 2.22 15.00 -7.39
N ILE C 300 1.56 14.37 -8.36
CA ILE C 300 0.14 14.08 -8.27
C ILE C 300 -0.04 12.58 -8.03
N ARG C 301 -0.18 12.18 -6.77
CA ARG C 301 -0.27 10.78 -6.41
C ARG C 301 -1.67 10.26 -6.71
N PHE C 302 -1.78 9.42 -7.74
CA PHE C 302 -3.05 8.81 -8.09
C PHE C 302 -3.33 7.63 -7.15
N ASP C 303 -4.56 7.60 -6.63
CA ASP C 303 -5.05 6.55 -5.76
C ASP C 303 -6.23 5.87 -6.46
N VAL C 304 -6.23 4.55 -6.48
CA VAL C 304 -7.28 3.77 -7.12
C VAL C 304 -8.03 3.00 -6.04
N LEU C 305 -9.35 3.18 -5.99
CA LEU C 305 -10.20 2.50 -5.03
C LEU C 305 -11.29 1.73 -5.76
N VAL C 306 -11.58 0.52 -5.30
CA VAL C 306 -12.58 -0.35 -5.90
C VAL C 306 -13.66 -0.62 -4.87
N TYR C 307 -14.92 -0.38 -5.25
CA TYR C 307 -16.05 -0.63 -4.37
C TYR C 307 -17.24 -1.04 -5.22
N GLY C 308 -18.17 -1.76 -4.61
CA GLY C 308 -19.35 -2.19 -5.30
C GLY C 308 -20.04 -3.32 -4.57
N ASN C 309 -21.16 -3.75 -5.15
CA ASN C 309 -21.94 -4.83 -4.58
C ASN C 309 -22.77 -5.48 -5.68
N ALA C 310 -23.23 -6.70 -5.42
CA ALA C 310 -24.06 -7.45 -6.35
C ALA C 310 -25.28 -7.99 -5.63
N GLY C 311 -26.37 -8.15 -6.37
CA GLY C 311 -27.63 -8.64 -5.82
C GLY C 311 -28.08 -9.90 -6.53
N LYS C 312 -28.69 -10.80 -5.77
CA LYS C 312 -29.20 -12.06 -6.32
C LYS C 312 -30.57 -12.34 -5.74
N PHE C 313 -31.37 -13.09 -6.51
CA PHE C 313 -32.75 -13.37 -6.09
C PHE C 313 -32.78 -14.32 -4.90
N ASN C 314 -32.02 -15.41 -4.97
CA ASN C 314 -31.88 -16.38 -3.87
C ASN C 314 -33.23 -16.88 -3.38
N ILE C 315 -33.27 -17.38 -2.14
CA ILE C 315 -34.49 -17.96 -1.59
C ILE C 315 -34.87 -17.29 -0.27
N ILE C 316 -33.87 -17.08 0.60
CA ILE C 316 -34.15 -16.67 1.98
C ILE C 316 -34.87 -15.33 2.06
N PRO C 317 -34.40 -14.25 1.42
CA PRO C 317 -35.03 -12.93 1.66
C PRO C 317 -36.47 -12.84 1.17
N THR C 318 -36.93 -13.71 0.28
CA THR C 318 -38.29 -13.61 -0.23
C THR C 318 -39.32 -13.79 0.87
N ILE C 319 -39.21 -14.88 1.63
CA ILE C 319 -40.13 -15.10 2.74
C ILE C 319 -39.96 -14.08 3.86
N ILE C 320 -38.75 -13.59 4.09
CA ILE C 320 -38.54 -12.54 5.09
C ILE C 320 -39.29 -11.27 4.71
N SER C 321 -39.18 -10.86 3.44
CA SER C 321 -39.92 -9.70 2.97
C SER C 321 -41.43 -9.94 2.99
N SER C 322 -41.86 -11.17 2.68
CA SER C 322 -43.28 -11.50 2.76
C SER C 322 -43.78 -11.36 4.19
N VAL C 323 -43.01 -11.84 5.17
CA VAL C 323 -43.40 -11.70 6.57
C VAL C 323 -43.43 -10.23 6.97
N ALA C 324 -42.44 -9.46 6.52
CA ALA C 324 -42.41 -8.03 6.84
C ALA C 324 -43.64 -7.33 6.29
N ALA C 325 -44.05 -7.68 5.06
CA ALA C 325 -45.29 -7.14 4.52
C ALA C 325 -46.50 -7.61 5.31
N PHE C 326 -46.48 -8.86 5.80
CA PHE C 326 -47.58 -9.35 6.63
C PHE C 326 -47.71 -8.56 7.92
N THR C 327 -46.59 -8.09 8.48
CA THR C 327 -46.66 -7.27 9.68
C THR C 327 -47.43 -5.98 9.44
N SER C 328 -47.23 -5.36 8.27
CA SER C 328 -47.94 -4.14 7.93
C SER C 328 -49.41 -4.42 7.63
#